data_6G1X
#
_entry.id   6G1X
#
_cell.length_a   1
_cell.length_b   1
_cell.length_c   1
_cell.angle_alpha   90
_cell.angle_beta   90
_cell.angle_gamma   90
#
_symmetry.space_group_name_H-M   'P 1'
#
loop_
_entity.id
_entity.type
_entity.pdbx_description
1 polymer 'Interferon-induced helicase C domain-containing protein 1'
2 polymer "RNA (5'-R(P*UP*CP*CP*AP*UP*GP*CP*GP*CP*AP*UP*GP*AP*CP*G)-3')"
3 polymer "RNA (5'-R(P*CP*GP*UP*CP*AP*UP*GP*CP*GP*CP*AP*UP*GP*GP*A)-3')"
4 non-polymer 'ZINC ION'
#
loop_
_entity_poly.entity_id
_entity_poly.type
_entity_poly.pdbx_seq_one_letter_code
_entity_poly.pdbx_strand_id
1 'polypeptide(L)'
;LQLRPYQMEVAQPALDGKNIIICLPTGSGKTRVAVYITKDHLDKKKQASESGKVIVLVNKVMLAEQLFRKEFNPYLKKWY
RIIGLSGDTQLKISFPEVVKSYDVIISTAQILENSLLNLESGDDDGVQLSDFSLIIIDECHHTNKEAVYNNIMRRYLKQK
LRNNDLKKQNKPAIPLPQILGLTASPGVGAAKKQSEAEKHILNICANLDAFTIKTVKENLGQLKHQIKEPCKKFVIADDT
RENPFKEKLLEIMASIQTYCQKSPMSDFGTQHYEQWAIQMEKKAAKDGNRKDRVCAEHLRKYNEALQINDTIRMIDAYSH
LETFYTDEKEKKFAVLNDSKKSLKLDETDEFLMNLFFDNKKMLKKLAENPKYENEKLIKLRNTILEQFTRSEESSRGIIF
TKTRQSTYALSQWIMENAKFAEVGVKAHHLIGAGHSSEVKPMTQTEQKEVISKFRTGEINLLIATTVAEEGLDIKECNIV
IRYGLVTNEIAMVQARGRARADESTYVLVTSSGSGVTEREIVNDFREKMMYKAINRVQNMKPEEYAHKILELQVQSILEK
KMKVKRSIAKQYNDNPSLITLLCKNCSMLVCSGENIHVIEKMHHVNMTPEFKGLYIVRENKALQKKFADYQTNGEIICKC
GQAWGTMMVHKGLDLPCLKIRNFVVNFKNNSPKKQYKKWVELPIRFPDLDYSEYCL
;
A
2 'polyribonucleotide' UCCAUGCGCAUGACG X
3 'polyribonucleotide' CGUCAUGCGCAUGGA Y
#
# COMPACT_ATOMS: atom_id res chain seq x y z
N LEU A 1 22.74 21.89 15.45
CA LEU A 1 23.16 21.08 14.32
C LEU A 1 24.66 20.85 14.37
N GLN A 2 25.10 19.71 13.87
CA GLN A 2 26.51 19.35 13.91
C GLN A 2 26.78 18.34 12.82
N LEU A 3 28.05 18.23 12.46
CA LEU A 3 28.50 17.66 11.20
C LEU A 3 29.48 16.52 11.45
N ARG A 4 28.98 15.47 12.12
CA ARG A 4 29.71 14.24 12.45
C ARG A 4 30.66 13.85 11.32
N PRO A 5 31.83 13.30 11.64
CA PRO A 5 32.88 13.18 10.62
C PRO A 5 32.47 12.33 9.43
N TYR A 6 31.82 11.20 9.66
CA TYR A 6 31.36 10.39 8.54
C TYR A 6 30.29 11.09 7.75
N GLN A 7 29.55 12.01 8.36
CA GLN A 7 28.59 12.82 7.64
C GLN A 7 29.27 13.91 6.83
N MET A 8 30.44 14.35 7.29
CA MET A 8 31.12 15.48 6.68
C MET A 8 31.48 15.19 5.24
N GLU A 9 32.28 14.15 5.03
CA GLU A 9 32.81 13.87 3.71
C GLU A 9 31.70 13.49 2.74
N VAL A 10 30.71 12.74 3.22
CA VAL A 10 29.62 12.32 2.35
C VAL A 10 28.83 13.51 1.90
N ALA A 11 28.69 14.52 2.75
CA ALA A 11 28.04 15.74 2.31
C ALA A 11 28.92 16.58 1.41
N GLN A 12 30.25 16.44 1.55
CA GLN A 12 31.21 17.37 0.96
C GLN A 12 30.96 17.74 -0.50
N PRO A 13 30.78 16.81 -1.43
CA PRO A 13 30.63 17.24 -2.83
C PRO A 13 29.34 17.99 -3.08
N ALA A 14 28.28 17.69 -2.32
CA ALA A 14 27.00 18.36 -2.54
C ALA A 14 27.09 19.86 -2.38
N LEU A 15 28.07 20.34 -1.62
CA LEU A 15 28.18 21.75 -1.29
C LEU A 15 28.43 22.64 -2.49
N ASP A 16 28.73 22.07 -3.65
CA ASP A 16 28.95 22.83 -4.87
C ASP A 16 28.44 21.98 -6.04
N GLY A 17 27.27 22.32 -6.56
CA GLY A 17 26.64 21.50 -7.59
C GLY A 17 26.39 20.11 -7.05
N LYS A 18 26.73 19.11 -7.86
CA LYS A 18 26.76 17.72 -7.42
C LYS A 18 25.38 17.28 -6.93
N ASN A 19 24.49 17.19 -7.90
CA ASN A 19 23.28 16.40 -7.68
C ASN A 19 23.66 14.95 -7.46
N ILE A 20 23.47 14.47 -6.25
CA ILE A 20 23.93 13.15 -5.86
C ILE A 20 22.85 12.30 -5.22
N ILE A 21 23.28 11.18 -4.65
CA ILE A 21 22.48 10.33 -3.80
C ILE A 21 23.30 10.16 -2.53
N ILE A 22 22.63 9.79 -1.46
CA ILE A 22 23.27 9.30 -0.24
C ILE A 22 22.45 8.12 0.24
N CYS A 23 23.13 7.08 0.68
CA CYS A 23 22.47 5.93 1.29
C CYS A 23 23.28 5.51 2.51
N LEU A 24 22.61 5.44 3.64
CA LEU A 24 23.24 5.08 4.90
C LEU A 24 22.26 4.26 5.73
N PRO A 25 22.76 3.51 6.70
CA PRO A 25 21.84 2.74 7.54
C PRO A 25 21.05 3.63 8.48
N THR A 26 20.11 2.97 9.16
CA THR A 26 19.43 3.55 10.29
C THR A 26 20.43 4.00 11.35
N GLY A 27 20.01 4.95 12.17
CA GLY A 27 20.76 5.37 13.33
C GLY A 27 21.73 6.50 13.06
N SER A 28 22.19 6.63 11.83
CA SER A 28 23.15 7.69 11.50
C SER A 28 22.54 9.08 11.56
N GLY A 29 21.22 9.21 11.70
CA GLY A 29 20.58 10.50 11.81
C GLY A 29 20.89 11.38 10.62
N LYS A 30 20.53 10.89 9.44
CA LYS A 30 20.84 11.57 8.19
C LYS A 30 19.99 12.81 7.95
N THR A 31 19.16 13.19 8.91
CA THR A 31 18.44 14.44 8.79
C THR A 31 19.37 15.62 9.07
N ARG A 32 20.21 15.50 10.10
CA ARG A 32 21.08 16.61 10.51
C ARG A 32 22.00 17.03 9.38
N VAL A 33 22.59 16.05 8.71
CA VAL A 33 23.45 16.34 7.58
C VAL A 33 22.67 17.08 6.51
N ALA A 34 21.45 16.62 6.24
CA ALA A 34 20.63 17.26 5.22
C ALA A 34 20.36 18.69 5.60
N VAL A 35 20.17 18.94 6.89
CA VAL A 35 20.00 20.30 7.35
C VAL A 35 21.23 21.12 7.02
N TYR A 36 22.42 20.51 7.17
CA TYR A 36 23.61 21.27 6.85
C TYR A 36 23.69 21.60 5.37
N ILE A 37 23.33 20.65 4.52
CA ILE A 37 23.38 20.94 3.08
C ILE A 37 22.41 22.06 2.76
N THR A 38 21.24 22.04 3.38
CA THR A 38 20.31 23.16 3.22
C THR A 38 20.99 24.46 3.59
N LYS A 39 21.38 24.56 4.86
CA LYS A 39 21.86 25.82 5.41
C LYS A 39 23.04 26.34 4.61
N ASP A 40 23.88 25.45 4.12
CA ASP A 40 25.03 25.90 3.36
C ASP A 40 24.60 26.36 1.96
N HIS A 41 23.62 25.68 1.36
CA HIS A 41 23.10 26.15 0.08
C HIS A 41 22.46 27.51 0.24
N LEU A 42 21.67 27.65 1.29
CA LEU A 42 20.98 28.90 1.58
C LEU A 42 21.98 30.02 1.77
N ASP A 43 23.01 29.76 2.57
CA ASP A 43 24.01 30.78 2.85
C ASP A 43 24.80 31.11 1.59
N LYS A 44 25.03 30.12 0.74
CA LYS A 44 25.67 30.39 -0.54
C LYS A 44 24.83 31.32 -1.38
N LYS A 45 23.52 31.09 -1.40
CA LYS A 45 22.65 31.93 -2.19
C LYS A 45 22.55 33.33 -1.61
N LYS A 46 22.65 33.45 -0.29
CA LYS A 46 22.70 34.77 0.32
C LYS A 46 24.00 35.49 -0.01
N GLN A 47 25.10 34.74 -0.06
CA GLN A 47 26.35 35.31 -0.57
C GLN A 47 26.19 35.76 -2.02
N ALA A 48 25.36 35.05 -2.79
CA ALA A 48 25.00 35.45 -4.14
C ALA A 48 23.74 36.29 -4.20
N SER A 49 22.93 36.30 -3.14
CA SER A 49 21.68 37.06 -3.08
C SER A 49 20.74 36.67 -4.23
N GLU A 50 20.36 35.40 -4.23
CA GLU A 50 19.48 34.83 -5.24
C GLU A 50 18.46 33.92 -4.57
N SER A 51 17.55 33.38 -5.38
CA SER A 51 16.39 32.67 -4.87
C SER A 51 16.83 31.33 -4.27
N GLY A 52 16.80 31.26 -2.95
CA GLY A 52 17.13 30.04 -2.23
C GLY A 52 15.89 29.32 -1.75
N LYS A 53 15.52 28.25 -2.44
CA LYS A 53 14.32 27.49 -2.13
C LYS A 53 14.66 26.02 -1.96
N VAL A 54 13.87 25.37 -1.11
CA VAL A 54 13.94 23.94 -0.90
C VAL A 54 12.54 23.41 -0.76
N ILE A 55 12.31 22.25 -1.34
CA ILE A 55 10.98 21.79 -1.69
C ILE A 55 10.86 20.34 -1.28
N VAL A 56 11.41 20.02 -0.12
CA VAL A 56 11.59 18.68 0.42
C VAL A 56 10.38 17.80 0.15
N LEU A 57 10.65 16.52 -0.11
CA LEU A 57 9.65 15.57 -0.50
C LEU A 57 9.84 14.28 0.26
N VAL A 58 8.72 13.60 0.49
CA VAL A 58 8.69 12.32 1.16
C VAL A 58 7.62 11.46 0.50
N ASN A 59 7.32 10.33 1.12
CA ASN A 59 6.22 9.49 0.71
C ASN A 59 5.05 9.53 1.66
N LYS A 60 5.31 9.80 2.94
CA LYS A 60 4.31 9.73 3.99
C LYS A 60 4.20 11.06 4.70
N VAL A 61 3.02 11.26 5.31
CA VAL A 61 2.73 12.49 6.01
C VAL A 61 3.47 12.54 7.34
N MET A 62 3.54 11.38 8.00
CA MET A 62 4.00 11.32 9.37
C MET A 62 5.41 11.81 9.49
N LEU A 63 6.27 11.47 8.53
CA LEU A 63 7.62 11.98 8.56
C LEU A 63 7.66 13.47 8.35
N ALA A 64 6.74 14.02 7.58
CA ALA A 64 6.75 15.45 7.36
C ALA A 64 6.43 16.18 8.64
N GLU A 65 5.38 15.74 9.32
CA GLU A 65 5.06 16.29 10.62
C GLU A 65 6.21 16.11 11.59
N GLN A 66 6.88 14.96 11.51
CA GLN A 66 7.98 14.67 12.41
C GLN A 66 9.13 15.65 12.22
N LEU A 67 9.51 15.88 10.97
CA LEU A 67 10.63 16.76 10.70
C LEU A 67 10.26 18.20 10.98
N PHE A 68 8.99 18.55 10.83
CA PHE A 68 8.55 19.86 11.27
C PHE A 68 8.50 19.96 12.78
N ARG A 69 8.51 18.83 13.47
CA ARG A 69 8.51 18.83 14.93
C ARG A 69 9.92 18.92 15.49
N LYS A 70 10.86 18.23 14.86
CA LYS A 70 12.08 17.83 15.53
C LYS A 70 13.36 18.38 14.93
N GLU A 71 13.43 18.50 13.61
CA GLU A 71 14.73 18.61 12.94
C GLU A 71 14.94 19.93 12.23
N PHE A 72 14.08 20.30 11.30
CA PHE A 72 14.37 21.47 10.50
C PHE A 72 14.10 22.75 11.27
N ASN A 73 12.93 22.86 11.89
CA ASN A 73 12.63 24.08 12.64
C ASN A 73 13.64 24.31 13.75
N PRO A 74 13.87 23.39 14.68
CA PRO A 74 14.69 23.71 15.86
C PRO A 74 16.12 24.07 15.55
N TYR A 75 16.58 23.95 14.31
CA TYR A 75 17.88 24.44 13.89
C TYR A 75 17.78 25.59 12.91
N LEU A 76 16.64 25.77 12.25
CA LEU A 76 16.39 26.91 11.37
C LEU A 76 15.25 27.78 11.87
N LYS A 77 14.80 27.55 13.10
CA LYS A 77 13.78 28.38 13.72
C LYS A 77 14.08 29.86 13.60
N LYS A 78 15.36 30.23 13.67
CA LYS A 78 15.75 31.64 13.71
C LYS A 78 15.72 32.27 12.32
N TRP A 79 16.56 31.75 11.43
CA TRP A 79 16.90 32.51 10.22
C TRP A 79 15.75 32.53 9.24
N TYR A 80 15.26 31.36 8.86
CA TYR A 80 14.49 31.20 7.64
C TYR A 80 13.07 30.78 7.91
N ARG A 81 12.24 30.98 6.89
CA ARG A 81 10.84 30.64 6.94
C ARG A 81 10.67 29.17 6.62
N ILE A 82 9.84 28.50 7.42
CA ILE A 82 9.56 27.09 7.28
C ILE A 82 8.06 26.92 7.33
N ILE A 83 7.59 25.84 6.72
CA ILE A 83 6.22 25.41 6.95
C ILE A 83 6.06 23.92 6.69
N GLY A 84 5.43 23.25 7.64
CA GLY A 84 5.19 21.83 7.56
C GLY A 84 3.86 21.55 6.91
N LEU A 85 3.93 21.15 5.65
CA LEU A 85 2.76 20.96 4.81
C LEU A 85 2.37 19.49 4.77
N SER A 86 1.20 19.24 4.21
CA SER A 86 0.63 17.92 4.03
C SER A 86 -0.72 18.10 3.35
N GLY A 87 -1.19 17.04 2.71
CA GLY A 87 -2.50 17.12 2.10
C GLY A 87 -3.62 17.27 3.10
N ASP A 88 -3.39 16.86 4.34
CA ASP A 88 -4.45 16.84 5.34
C ASP A 88 -4.39 17.99 6.31
N THR A 89 -3.20 18.49 6.65
CA THR A 89 -3.12 19.68 7.48
C THR A 89 -3.61 20.86 6.65
N GLN A 90 -4.83 21.30 6.92
CA GLN A 90 -5.47 22.35 6.14
C GLN A 90 -4.63 23.62 6.12
N LEU A 91 -4.25 24.04 4.93
CA LEU A 91 -3.51 25.28 4.73
C LEU A 91 -4.40 26.26 3.99
N LYS A 92 -4.77 27.35 4.66
CA LYS A 92 -5.63 28.35 4.04
C LYS A 92 -5.01 28.91 2.78
N ILE A 93 -3.70 29.12 2.79
CA ILE A 93 -2.98 29.70 1.68
C ILE A 93 -2.44 28.57 0.82
N SER A 94 -2.81 28.58 -0.44
CA SER A 94 -2.59 27.72 -1.59
C SER A 94 -1.10 27.60 -1.88
N PHE A 95 -0.77 26.63 -2.68
CA PHE A 95 0.62 26.23 -2.81
C PHE A 95 1.50 27.28 -3.49
N PRO A 96 1.09 27.89 -4.60
CA PRO A 96 1.98 28.83 -5.27
C PRO A 96 2.37 30.01 -4.42
N GLU A 97 1.61 30.34 -3.39
CA GLU A 97 1.96 31.46 -2.53
C GLU A 97 3.04 31.05 -1.54
N VAL A 98 2.91 29.86 -0.96
CA VAL A 98 3.97 29.34 -0.10
C VAL A 98 5.21 28.99 -0.89
N VAL A 99 5.11 29.01 -2.21
CA VAL A 99 6.30 29.16 -3.03
C VAL A 99 6.72 30.62 -3.09
N LYS A 100 5.76 31.53 -3.27
CA LYS A 100 6.04 32.95 -3.27
C LYS A 100 6.55 33.44 -1.93
N SER A 101 6.31 32.69 -0.87
CA SER A 101 6.91 32.92 0.43
C SER A 101 7.56 31.62 0.89
N TYR A 102 7.94 31.58 2.16
CA TYR A 102 8.33 30.34 2.83
C TYR A 102 9.50 29.67 2.10
N ASP A 103 10.66 30.30 2.26
CA ASP A 103 11.91 29.82 1.67
C ASP A 103 12.09 28.32 1.78
N VAL A 104 11.89 27.78 2.96
CA VAL A 104 12.01 26.35 3.20
C VAL A 104 10.63 25.71 3.18
N ILE A 105 10.58 24.49 2.66
CA ILE A 105 9.35 23.73 2.58
C ILE A 105 9.63 22.30 2.98
N ILE A 106 8.93 21.82 3.97
CA ILE A 106 8.60 20.42 4.06
C ILE A 106 7.32 20.23 3.28
N SER A 107 7.18 19.07 2.66
CA SER A 107 5.99 18.84 1.90
C SER A 107 5.75 17.35 1.77
N THR A 108 4.91 17.01 0.81
CA THR A 108 4.59 15.65 0.50
C THR A 108 4.27 15.63 -0.98
N ALA A 109 4.55 14.49 -1.60
CA ALA A 109 4.80 14.43 -3.03
C ALA A 109 3.70 15.00 -3.90
N GLN A 110 2.56 14.33 -3.92
CA GLN A 110 1.61 14.57 -4.99
C GLN A 110 0.95 15.93 -4.85
N ILE A 111 1.15 16.61 -3.72
CA ILE A 111 0.85 18.02 -3.62
C ILE A 111 1.49 18.76 -4.79
N LEU A 112 2.79 18.56 -4.90
CA LEU A 112 3.58 19.21 -5.92
C LEU A 112 3.06 18.87 -7.30
N GLU A 113 2.96 17.57 -7.58
CA GLU A 113 2.48 17.09 -8.88
C GLU A 113 1.16 17.73 -9.26
N ASN A 114 0.23 17.79 -8.31
CA ASN A 114 -1.06 18.38 -8.59
C ASN A 114 -0.92 19.83 -8.96
N SER A 115 -0.05 20.55 -8.26
CA SER A 115 0.15 21.95 -8.57
C SER A 115 0.75 22.12 -9.96
N LEU A 116 1.68 21.24 -10.31
CA LEU A 116 2.29 21.28 -11.62
C LEU A 116 1.27 21.03 -12.70
N LEU A 117 0.39 20.05 -12.49
CA LEU A 117 -0.62 19.74 -13.48
C LEU A 117 -1.56 20.92 -13.65
N ASN A 118 -2.00 21.52 -12.55
CA ASN A 118 -2.82 22.71 -12.65
C ASN A 118 -2.09 23.81 -13.41
N LEU A 119 -0.76 23.84 -13.33
CA LEU A 119 -0.01 24.69 -14.25
C LEU A 119 -0.24 24.28 -15.69
N GLU A 120 0.00 23.02 -16.01
CA GLU A 120 -0.05 22.58 -17.40
C GLU A 120 -1.44 22.13 -17.83
N SER A 121 -2.19 21.47 -16.96
CA SER A 121 -3.50 20.94 -17.33
C SER A 121 -4.48 22.06 -17.64
N GLY A 122 -4.78 22.89 -16.66
CA GLY A 122 -5.75 23.94 -16.86
C GLY A 122 -5.18 25.33 -16.68
N ASP A 123 -6.05 26.34 -16.69
CA ASP A 123 -5.66 27.72 -16.45
C ASP A 123 -5.54 28.04 -14.96
N ASP A 124 -5.41 27.03 -14.13
CA ASP A 124 -5.40 27.22 -12.70
C ASP A 124 -4.05 27.77 -12.25
N ASP A 125 -3.84 27.74 -10.93
CA ASP A 125 -2.75 28.50 -10.32
C ASP A 125 -1.40 28.14 -10.92
N GLY A 126 -0.98 26.89 -10.77
CA GLY A 126 0.21 26.40 -11.43
C GLY A 126 1.48 26.78 -10.71
N VAL A 127 2.53 26.05 -11.08
CA VAL A 127 3.86 26.21 -10.53
C VAL A 127 4.79 25.38 -11.41
N GLN A 128 6.06 25.76 -11.49
CA GLN A 128 7.05 24.98 -12.20
C GLN A 128 8.31 24.85 -11.36
N LEU A 129 9.13 23.86 -11.73
CA LEU A 129 10.40 23.60 -11.07
C LEU A 129 11.39 24.73 -11.26
N SER A 130 11.15 25.65 -12.19
CA SER A 130 12.08 26.72 -12.43
C SER A 130 12.15 27.69 -11.26
N ASP A 131 11.22 27.60 -10.31
CA ASP A 131 11.16 28.52 -9.19
C ASP A 131 12.04 28.09 -8.04
N PHE A 132 13.03 27.26 -8.28
CA PHE A 132 13.78 26.59 -7.23
C PHE A 132 15.27 26.70 -7.45
N SER A 133 15.99 26.26 -6.44
CA SER A 133 17.43 26.04 -6.53
C SER A 133 17.87 24.78 -5.82
N LEU A 134 16.94 23.98 -5.32
CA LEU A 134 17.31 22.70 -4.75
C LEU A 134 16.06 21.89 -4.53
N ILE A 135 16.22 20.58 -4.60
CA ILE A 135 15.26 19.62 -4.16
C ILE A 135 15.97 18.68 -3.22
N ILE A 136 15.24 18.21 -2.24
CA ILE A 136 15.73 17.21 -1.33
C ILE A 136 14.65 16.16 -1.22
N ILE A 137 15.08 14.92 -1.07
CA ILE A 137 14.25 13.74 -1.22
C ILE A 137 14.59 12.83 -0.06
N ASP A 138 13.67 11.92 0.25
CA ASP A 138 13.94 10.92 1.27
C ASP A 138 13.31 9.60 0.84
N GLU A 139 14.00 8.50 1.17
CA GLU A 139 13.61 7.15 0.75
C GLU A 139 13.60 7.03 -0.77
N CYS A 140 14.72 7.34 -1.39
CA CYS A 140 14.80 7.29 -2.84
C CYS A 140 14.53 5.91 -3.41
N HIS A 141 14.69 4.85 -2.63
CA HIS A 141 14.48 3.51 -3.15
C HIS A 141 13.08 3.29 -3.68
N HIS A 142 12.10 4.08 -3.24
CA HIS A 142 10.79 4.04 -3.85
C HIS A 142 10.77 4.64 -5.22
N THR A 143 11.87 5.19 -5.68
CA THR A 143 11.91 5.76 -7.01
C THR A 143 11.91 4.67 -8.06
N ASN A 144 11.14 4.90 -9.12
CA ASN A 144 11.09 4.07 -10.30
C ASN A 144 10.63 4.97 -11.44
N LYS A 145 10.48 4.38 -12.62
CA LYS A 145 9.97 5.11 -13.76
C LYS A 145 8.46 5.14 -13.80
N GLU A 146 7.80 4.54 -12.82
CA GLU A 146 6.37 4.32 -12.87
C GLU A 146 5.61 5.12 -11.85
N ALA A 147 6.17 5.25 -10.66
CA ALA A 147 5.43 5.72 -9.51
C ALA A 147 5.59 7.21 -9.33
N VAL A 148 5.19 7.66 -8.16
CA VAL A 148 5.60 8.91 -7.58
C VAL A 148 6.12 8.59 -6.18
N TYR A 149 7.19 9.24 -5.74
CA TYR A 149 8.06 10.07 -6.55
C TYR A 149 9.03 9.18 -7.36
N ASN A 150 9.19 9.36 -8.68
CA ASN A 150 8.71 10.51 -9.38
C ASN A 150 8.45 10.28 -10.83
N ASN A 151 7.32 10.84 -11.21
CA ASN A 151 7.09 11.24 -12.57
C ASN A 151 7.81 12.55 -12.88
N ILE A 152 7.82 13.48 -11.94
CA ILE A 152 8.27 14.83 -12.21
C ILE A 152 9.75 14.86 -12.54
N MET A 153 10.52 13.92 -12.03
CA MET A 153 11.88 13.84 -12.51
C MET A 153 11.95 13.59 -13.99
N ARG A 154 10.94 12.95 -14.57
CA ARG A 154 10.95 12.85 -16.02
C ARG A 154 10.73 14.22 -16.66
N ARG A 155 10.12 15.16 -15.94
CA ARG A 155 10.04 16.52 -16.44
C ARG A 155 11.37 17.21 -16.31
N TYR A 156 12.01 17.01 -15.17
CA TYR A 156 13.37 17.49 -14.99
C TYR A 156 14.27 17.00 -16.11
N LEU A 157 14.11 15.73 -16.48
CA LEU A 157 14.95 15.15 -17.51
C LEU A 157 14.63 15.72 -18.87
N LYS A 158 13.35 15.82 -19.19
CA LYS A 158 12.95 16.33 -20.49
C LYS A 158 13.43 17.77 -20.66
N GLN A 159 13.29 18.56 -19.61
CA GLN A 159 13.71 19.94 -19.66
C GLN A 159 15.24 20.03 -19.69
N LYS A 160 15.91 19.09 -19.05
CA LYS A 160 17.36 19.08 -19.10
C LYS A 160 17.83 18.81 -20.51
N LEU A 161 17.19 17.88 -21.17
CA LEU A 161 17.62 17.56 -22.51
C LEU A 161 17.26 18.68 -23.47
N ARG A 162 16.22 19.45 -23.15
CA ARG A 162 15.99 20.69 -23.87
C ARG A 162 17.19 21.62 -23.70
N ASN A 163 17.65 21.76 -22.45
CA ASN A 163 18.82 22.59 -22.19
C ASN A 163 20.04 22.09 -22.93
N ASN A 164 20.16 20.79 -23.07
CA ASN A 164 21.37 20.22 -23.67
C ASN A 164 21.32 20.33 -25.19
N ASP A 165 20.14 20.13 -25.76
CA ASP A 165 19.98 20.37 -27.19
C ASP A 165 20.17 21.83 -27.51
N LEU A 166 19.90 22.71 -26.54
CA LEU A 166 20.28 24.11 -26.69
C LEU A 166 21.80 24.26 -26.63
N LYS A 167 22.45 23.56 -25.71
CA LYS A 167 23.90 23.65 -25.59
C LYS A 167 24.62 22.84 -26.65
N LYS A 168 24.00 21.78 -27.15
CA LYS A 168 24.60 20.94 -28.18
C LYS A 168 24.31 21.50 -29.58
N ALA A 173 19.79 28.27 -22.30
CA ALA A 173 20.08 27.30 -21.24
C ALA A 173 19.52 27.78 -19.91
N ILE A 174 18.23 27.53 -19.68
CA ILE A 174 17.58 28.03 -18.47
C ILE A 174 18.01 27.16 -17.30
N PRO A 175 18.11 27.71 -16.09
CA PRO A 175 18.68 26.94 -14.99
C PRO A 175 17.75 25.82 -14.56
N LEU A 176 18.30 24.96 -13.73
CA LEU A 176 17.56 23.86 -13.14
C LEU A 176 18.19 23.55 -11.81
N PRO A 177 17.45 22.97 -10.88
CA PRO A 177 17.94 22.85 -9.52
C PRO A 177 18.91 21.70 -9.34
N GLN A 178 19.73 21.84 -8.30
CA GLN A 178 20.37 20.67 -7.74
C GLN A 178 19.33 19.67 -7.30
N ILE A 179 19.76 18.43 -7.16
CA ILE A 179 18.92 17.37 -6.67
C ILE A 179 19.76 16.50 -5.76
N LEU A 180 19.59 16.66 -4.47
CA LEU A 180 20.05 15.69 -3.53
C LEU A 180 19.13 14.48 -3.57
N GLY A 181 19.50 13.44 -2.84
CA GLY A 181 18.66 12.30 -2.66
C GLY A 181 19.18 11.41 -1.56
N LEU A 182 18.31 11.09 -0.62
CA LEU A 182 18.66 10.30 0.53
C LEU A 182 17.85 9.03 0.54
N THR A 183 18.35 8.06 1.30
CA THR A 183 17.69 6.77 1.37
C THR A 183 18.40 5.94 2.41
N ALA A 184 17.73 4.86 2.78
CA ALA A 184 18.37 3.75 3.44
C ALA A 184 19.07 2.93 2.39
N SER A 185 19.40 1.69 2.72
CA SER A 185 19.88 0.74 1.74
C SER A 185 18.94 0.73 0.54
N PRO A 186 19.39 1.10 -0.65
CA PRO A 186 18.47 1.20 -1.78
C PRO A 186 17.85 -0.10 -2.16
N GLY A 187 18.41 -1.21 -1.72
CA GLY A 187 17.85 -2.47 -2.05
C GLY A 187 18.08 -2.69 -3.53
N VAL A 188 17.35 -3.68 -4.04
CA VAL A 188 17.48 -4.04 -5.43
C VAL A 188 16.25 -4.83 -5.81
N GLY A 189 15.90 -4.79 -7.09
CA GLY A 189 14.66 -5.32 -7.56
C GLY A 189 14.80 -6.38 -8.60
N ALA A 190 14.35 -7.59 -8.27
CA ALA A 190 14.09 -8.63 -9.25
C ALA A 190 15.38 -9.02 -9.97
N ALA A 191 16.28 -9.59 -9.17
CA ALA A 191 17.56 -10.06 -9.65
C ALA A 191 17.84 -11.42 -9.05
N LYS A 192 18.82 -12.09 -9.64
CA LYS A 192 19.55 -13.33 -9.42
C LYS A 192 21.02 -13.17 -9.77
N LYS A 193 21.47 -11.96 -10.07
CA LYS A 193 22.83 -11.74 -10.53
C LYS A 193 23.28 -10.37 -10.08
N GLN A 194 24.57 -10.10 -10.27
CA GLN A 194 25.10 -8.77 -10.05
C GLN A 194 24.73 -7.82 -11.17
N SER A 195 24.66 -8.32 -12.39
CA SER A 195 24.55 -7.43 -13.53
C SER A 195 23.16 -6.83 -13.60
N GLU A 196 22.13 -7.63 -13.34
CA GLU A 196 20.78 -7.09 -13.31
C GLU A 196 20.65 -6.08 -12.18
N ALA A 197 21.32 -6.35 -11.07
CA ALA A 197 21.32 -5.42 -9.95
C ALA A 197 21.94 -4.09 -10.34
N GLU A 198 23.13 -4.12 -10.92
CA GLU A 198 23.78 -2.89 -11.35
C GLU A 198 22.91 -2.12 -12.31
N LYS A 199 22.27 -2.81 -13.24
CA LYS A 199 21.37 -2.12 -14.14
C LYS A 199 20.26 -1.43 -13.36
N HIS A 200 19.78 -2.06 -12.29
CA HIS A 200 18.77 -1.42 -11.47
C HIS A 200 19.30 -0.14 -10.87
N ILE A 201 20.50 -0.21 -10.31
CA ILE A 201 21.08 0.94 -9.65
C ILE A 201 21.24 2.09 -10.62
N LEU A 202 21.63 1.76 -11.84
CA LEU A 202 21.81 2.80 -12.82
C LEU A 202 20.48 3.41 -13.20
N ASN A 203 19.43 2.59 -13.21
CA ASN A 203 18.10 3.13 -13.48
C ASN A 203 17.73 4.12 -12.40
N ILE A 204 18.09 3.81 -11.16
CA ILE A 204 17.78 4.69 -10.05
C ILE A 204 18.49 6.02 -10.22
N CYS A 205 19.81 5.96 -10.39
CA CYS A 205 20.59 7.18 -10.46
C CYS A 205 20.13 8.07 -11.59
N ALA A 206 19.87 7.47 -12.75
CA ALA A 206 19.46 8.29 -13.88
C ALA A 206 18.02 8.70 -13.84
N ASN A 207 17.20 8.04 -13.02
CA ASN A 207 15.93 8.62 -12.66
C ASN A 207 16.13 9.83 -11.78
N LEU A 208 17.27 9.93 -11.11
CA LEU A 208 17.62 11.13 -10.37
C LEU A 208 18.64 12.02 -11.06
N ASP A 209 19.17 11.60 -12.20
CA ASP A 209 20.09 12.42 -12.97
C ASP A 209 21.35 12.75 -12.20
N ALA A 210 21.64 11.95 -11.19
CA ALA A 210 22.69 12.28 -10.27
C ALA A 210 24.05 11.97 -10.85
N PHE A 211 25.06 11.95 -9.98
CA PHE A 211 26.45 11.86 -10.32
C PHE A 211 27.12 10.65 -9.69
N THR A 212 26.83 10.40 -8.41
CA THR A 212 27.40 9.28 -7.69
C THR A 212 26.43 8.80 -6.62
N ILE A 213 26.89 7.86 -5.82
CA ILE A 213 26.22 7.40 -4.62
C ILE A 213 26.89 7.98 -3.38
N LYS A 214 28.20 7.83 -3.29
CA LYS A 214 29.00 8.46 -2.24
C LYS A 214 28.53 8.00 -0.85
N THR A 215 28.78 6.73 -0.58
CA THR A 215 28.58 6.19 0.75
C THR A 215 29.81 6.40 1.62
N VAL A 216 29.78 5.79 2.80
CA VAL A 216 30.87 5.86 3.76
C VAL A 216 31.68 4.58 3.66
N LYS A 217 32.97 4.74 3.52
CA LYS A 217 33.94 3.66 3.67
C LYS A 217 35.07 4.06 4.62
N GLU A 218 35.47 5.33 4.61
CA GLU A 218 36.54 5.79 5.48
C GLU A 218 36.16 5.64 6.94
N ASN A 219 35.13 6.37 7.39
CA ASN A 219 34.81 6.47 8.80
C ASN A 219 33.78 5.41 9.20
N LEU A 220 34.11 4.16 8.88
CA LEU A 220 33.28 3.04 9.30
C LEU A 220 33.37 2.76 10.79
N GLY A 221 34.43 3.22 11.45
CA GLY A 221 34.66 2.84 12.84
C GLY A 221 33.68 3.50 13.80
N GLN A 222 33.59 4.83 13.73
CA GLN A 222 32.63 5.55 14.58
C GLN A 222 31.21 5.13 14.24
N LEU A 223 30.95 4.80 12.99
CA LEU A 223 29.66 4.29 12.58
C LEU A 223 29.34 3.00 13.31
N LYS A 224 30.22 2.00 13.18
CA LYS A 224 30.02 0.72 13.86
C LYS A 224 29.96 0.90 15.37
N HIS A 225 30.59 1.96 15.89
CA HIS A 225 30.43 2.30 17.30
C HIS A 225 28.99 2.71 17.59
N GLN A 226 28.45 3.63 16.79
CA GLN A 226 27.06 4.05 16.96
C GLN A 226 26.08 2.96 16.53
N ILE A 227 26.48 2.11 15.59
CA ILE A 227 25.60 1.13 14.96
C ILE A 227 26.09 -0.24 15.38
N LYS A 228 25.35 -0.87 16.29
CA LYS A 228 25.65 -2.23 16.76
C LYS A 228 24.54 -3.14 16.22
N GLU A 229 24.83 -3.78 15.09
CA GLU A 229 23.82 -4.64 14.47
C GLU A 229 23.54 -5.84 15.39
N PRO A 230 22.25 -6.18 15.62
CA PRO A 230 21.98 -7.38 16.40
C PRO A 230 22.26 -8.68 15.65
N CYS A 231 22.08 -9.80 16.32
CA CYS A 231 22.47 -11.09 15.77
C CYS A 231 21.46 -11.59 14.76
N LYS A 232 21.94 -11.86 13.54
CA LYS A 232 21.15 -12.55 12.54
C LYS A 232 20.83 -13.95 13.03
N LYS A 233 19.55 -14.22 13.29
CA LYS A 233 19.12 -15.44 13.96
C LYS A 233 17.88 -15.99 13.30
N PHE A 234 17.75 -17.31 13.36
CA PHE A 234 16.56 -18.04 12.93
C PHE A 234 16.03 -18.84 14.11
N VAL A 235 14.72 -18.95 14.19
CA VAL A 235 14.02 -19.80 15.15
C VAL A 235 12.75 -20.26 14.49
N ILE A 236 12.37 -21.52 14.72
CA ILE A 236 11.17 -22.09 14.14
C ILE A 236 10.45 -22.90 15.18
N ALA A 237 9.13 -22.87 15.12
CA ALA A 237 8.25 -23.74 15.88
C ALA A 237 7.17 -24.24 14.94
N ASP A 238 6.94 -25.55 14.94
CA ASP A 238 5.94 -26.14 14.06
C ASP A 238 5.62 -27.57 14.47
N ASN A 243 -7.49 -31.21 12.92
CA ASN A 243 -7.16 -32.00 11.73
C ASN A 243 -8.40 -32.64 11.10
N PRO A 244 -9.16 -33.44 11.87
CA PRO A 244 -10.40 -34.01 11.32
C PRO A 244 -11.45 -32.99 11.01
N PHE A 245 -11.35 -31.79 11.58
CA PHE A 245 -12.23 -30.68 11.23
C PHE A 245 -12.02 -30.27 9.78
N LYS A 246 -10.76 -30.05 9.41
CA LYS A 246 -10.39 -29.78 8.03
C LYS A 246 -11.04 -30.79 7.11
N GLU A 247 -10.74 -32.06 7.34
CA GLU A 247 -11.28 -33.15 6.54
C GLU A 247 -12.80 -33.11 6.51
N LYS A 248 -13.40 -32.77 7.66
CA LYS A 248 -14.85 -32.68 7.76
C LYS A 248 -15.38 -31.69 6.76
N LEU A 249 -14.64 -30.63 6.52
CA LEU A 249 -15.07 -29.61 5.57
C LEU A 249 -14.71 -29.93 4.13
N LEU A 250 -13.54 -30.52 3.91
CA LEU A 250 -13.14 -30.92 2.57
C LEU A 250 -14.15 -31.86 1.96
N GLU A 251 -14.70 -32.76 2.79
CA GLU A 251 -15.70 -33.67 2.29
C GLU A 251 -16.90 -32.91 1.75
N ILE A 252 -17.31 -31.85 2.45
CA ILE A 252 -18.45 -31.07 2.01
C ILE A 252 -18.12 -30.35 0.72
N MET A 253 -16.88 -29.89 0.61
CA MET A 253 -16.49 -29.19 -0.60
C MET A 253 -16.57 -30.10 -1.80
N ALA A 254 -16.09 -31.32 -1.66
CA ALA A 254 -16.19 -32.28 -2.74
C ALA A 254 -17.64 -32.61 -3.03
N SER A 255 -18.46 -32.68 -1.98
CA SER A 255 -19.89 -32.92 -2.16
C SER A 255 -20.50 -31.81 -2.99
N ILE A 256 -20.00 -30.60 -2.83
CA ILE A 256 -20.57 -29.47 -3.54
C ILE A 256 -20.06 -29.42 -4.97
N GLN A 257 -18.80 -29.84 -5.19
CA GLN A 257 -18.34 -30.04 -6.56
C GLN A 257 -19.24 -31.01 -7.29
N THR A 258 -19.57 -32.11 -6.62
CA THR A 258 -20.51 -33.08 -7.18
C THR A 258 -21.85 -32.42 -7.44
N TYR A 259 -22.30 -31.58 -6.50
CA TYR A 259 -23.55 -30.86 -6.68
C TYR A 259 -23.49 -29.91 -7.86
N CYS A 260 -22.30 -29.49 -8.25
CA CYS A 260 -22.10 -28.43 -9.22
C CYS A 260 -21.40 -28.90 -10.48
N GLN A 261 -20.80 -30.07 -10.46
CA GLN A 261 -19.98 -30.56 -11.57
C GLN A 261 -18.82 -29.62 -11.84
N LYS A 262 -18.19 -29.17 -10.76
CA LYS A 262 -17.05 -28.27 -10.84
C LYS A 262 -15.77 -29.08 -10.72
N SER A 263 -14.91 -28.94 -11.72
CA SER A 263 -13.64 -29.65 -11.79
C SER A 263 -12.51 -28.70 -11.41
N PRO A 264 -11.89 -28.86 -10.24
CA PRO A 264 -10.86 -27.87 -9.86
C PRO A 264 -9.64 -27.93 -10.74
N MET A 265 -9.22 -29.12 -11.13
CA MET A 265 -7.91 -29.34 -11.74
C MET A 265 -6.77 -29.00 -10.78
N SER A 266 -7.05 -28.92 -9.49
CA SER A 266 -6.04 -28.64 -8.49
C SER A 266 -6.62 -28.96 -7.11
N ASP A 267 -5.87 -28.59 -6.09
CA ASP A 267 -6.14 -29.01 -4.72
C ASP A 267 -6.79 -27.89 -3.93
N PHE A 268 -7.11 -28.22 -2.68
CA PHE A 268 -7.74 -27.28 -1.76
C PHE A 268 -6.68 -26.69 -0.83
N GLY A 269 -6.67 -25.36 -0.72
CA GLY A 269 -5.83 -24.68 0.23
C GLY A 269 -4.75 -23.89 -0.44
N THR A 270 -5.06 -23.33 -1.59
CA THR A 270 -4.10 -22.54 -2.36
C THR A 270 -4.84 -21.46 -3.12
N GLN A 271 -4.04 -20.55 -3.66
CA GLN A 271 -4.59 -19.47 -4.44
C GLN A 271 -5.11 -19.96 -5.78
N HIS A 272 -4.57 -21.08 -6.27
CA HIS A 272 -4.97 -21.57 -7.59
C HIS A 272 -6.45 -21.90 -7.62
N TYR A 273 -6.91 -22.58 -6.58
CA TYR A 273 -8.32 -22.95 -6.50
C TYR A 273 -9.18 -21.71 -6.46
N GLU A 274 -8.70 -20.71 -5.73
CA GLU A 274 -9.42 -19.44 -5.64
C GLU A 274 -9.52 -18.80 -7.01
N GLN A 275 -8.41 -18.76 -7.73
CA GLN A 275 -8.38 -18.05 -9.00
C GLN A 275 -9.28 -18.74 -10.00
N TRP A 276 -9.28 -20.06 -10.00
CA TRP A 276 -10.19 -20.78 -10.87
C TRP A 276 -11.62 -20.49 -10.47
N ALA A 277 -11.88 -20.35 -9.18
CA ALA A 277 -13.22 -20.05 -8.73
C ALA A 277 -13.65 -18.71 -9.26
N ILE A 278 -12.75 -17.74 -9.24
CA ILE A 278 -13.10 -16.41 -9.73
C ILE A 278 -13.33 -16.44 -11.23
N GLN A 279 -12.53 -17.21 -11.95
CA GLN A 279 -12.72 -17.29 -13.39
C GLN A 279 -14.06 -17.93 -13.73
N MET A 280 -14.41 -18.98 -13.01
CA MET A 280 -15.72 -19.59 -13.19
C MET A 280 -16.81 -18.62 -12.80
N GLU A 281 -16.53 -17.75 -11.83
CA GLU A 281 -17.51 -16.77 -11.43
C GLU A 281 -17.76 -15.76 -12.54
N LYS A 282 -16.69 -15.40 -13.25
CA LYS A 282 -16.85 -14.52 -14.41
C LYS A 282 -17.63 -15.22 -15.52
N LYS A 283 -17.28 -16.48 -15.80
CA LYS A 283 -17.93 -17.19 -16.90
C LYS A 283 -19.39 -17.42 -16.59
N ALA A 284 -19.70 -17.76 -15.34
CA ALA A 284 -21.07 -17.97 -14.94
C ALA A 284 -21.81 -16.64 -14.84
N ALA A 285 -21.06 -15.57 -14.63
CA ALA A 285 -21.61 -14.24 -14.86
C ALA A 285 -21.75 -13.97 -16.34
N LYS A 286 -20.83 -14.49 -17.14
CA LYS A 286 -20.95 -14.48 -18.59
C LYS A 286 -21.92 -15.53 -19.10
N ASP A 287 -22.57 -16.27 -18.21
CA ASP A 287 -23.69 -17.13 -18.54
C ASP A 287 -24.99 -16.68 -17.91
N GLY A 288 -24.94 -15.86 -16.86
CA GLY A 288 -26.14 -15.52 -16.12
C GLY A 288 -26.78 -16.71 -15.47
N ASN A 289 -26.00 -17.73 -15.14
CA ASN A 289 -26.51 -18.97 -14.57
C ASN A 289 -26.27 -19.03 -13.07
N ARG A 290 -26.90 -20.03 -12.47
CA ARG A 290 -26.87 -20.27 -11.05
C ARG A 290 -26.24 -21.63 -10.80
N LYS A 291 -25.89 -21.85 -9.53
CA LYS A 291 -25.03 -22.94 -9.07
C LYS A 291 -23.65 -22.93 -9.72
N ASP A 292 -23.28 -21.84 -10.35
CA ASP A 292 -22.16 -21.77 -11.26
C ASP A 292 -21.24 -20.60 -10.96
N ARG A 293 -21.80 -19.48 -10.50
CA ARG A 293 -21.04 -18.39 -9.89
C ARG A 293 -21.34 -18.25 -8.41
N VAL A 294 -22.60 -18.45 -8.04
CA VAL A 294 -23.01 -18.43 -6.64
C VAL A 294 -22.13 -19.37 -5.83
N CYS A 295 -21.83 -20.52 -6.40
CA CYS A 295 -21.03 -21.50 -5.72
C CYS A 295 -19.56 -21.18 -5.83
N ALA A 296 -19.15 -20.44 -6.87
CA ALA A 296 -17.81 -19.89 -6.88
C ALA A 296 -17.61 -18.98 -5.68
N GLU A 297 -18.63 -18.18 -5.38
CA GLU A 297 -18.56 -17.28 -4.24
C GLU A 297 -18.45 -18.05 -2.95
N HIS A 298 -19.31 -19.05 -2.78
CA HIS A 298 -19.26 -19.85 -1.57
C HIS A 298 -17.91 -20.53 -1.42
N LEU A 299 -17.41 -21.09 -2.51
CA LEU A 299 -16.17 -21.85 -2.44
C LEU A 299 -14.98 -20.95 -2.21
N ARG A 300 -15.04 -19.71 -2.68
CA ARG A 300 -14.06 -18.73 -2.27
C ARG A 300 -14.07 -18.60 -0.76
N LYS A 301 -15.27 -18.51 -0.19
CA LYS A 301 -15.36 -18.37 1.27
C LYS A 301 -14.77 -19.59 1.95
N TYR A 302 -15.09 -20.77 1.44
CA TYR A 302 -14.59 -22.00 2.04
C TYR A 302 -13.08 -22.06 1.94
N ASN A 303 -12.52 -21.66 0.81
CA ASN A 303 -11.08 -21.78 0.64
C ASN A 303 -10.35 -20.81 1.54
N GLU A 304 -10.93 -19.64 1.75
CA GLU A 304 -10.36 -18.71 2.70
C GLU A 304 -10.40 -19.32 4.09
N ALA A 305 -11.50 -19.98 4.41
CA ALA A 305 -11.63 -20.66 5.69
C ALA A 305 -10.56 -21.73 5.84
N LEU A 306 -10.25 -22.41 4.76
CA LEU A 306 -9.21 -23.42 4.79
C LEU A 306 -7.88 -22.78 5.12
N GLN A 307 -7.48 -21.80 4.31
CA GLN A 307 -6.11 -21.35 4.45
C GLN A 307 -5.90 -20.51 5.70
N ILE A 308 -6.97 -20.09 6.37
CA ILE A 308 -6.79 -19.66 7.76
C ILE A 308 -6.68 -20.87 8.67
N ASN A 309 -7.43 -21.94 8.36
CA ASN A 309 -7.38 -23.11 9.21
C ASN A 309 -5.99 -23.72 9.22
N ASP A 310 -5.26 -23.57 8.11
CA ASP A 310 -3.89 -24.02 8.07
C ASP A 310 -2.96 -23.14 8.89
N THR A 311 -3.43 -21.99 9.33
CA THR A 311 -2.62 -21.02 10.04
C THR A 311 -3.25 -20.48 11.30
N ILE A 312 -4.56 -20.65 11.47
CA ILE A 312 -5.33 -19.94 12.49
C ILE A 312 -6.23 -20.93 13.21
N ARG A 313 -6.56 -20.61 14.46
CA ARG A 313 -7.48 -21.41 15.24
C ARG A 313 -8.82 -21.51 14.52
N MET A 314 -9.29 -22.75 14.35
CA MET A 314 -10.47 -23.00 13.54
C MET A 314 -11.74 -22.39 14.13
N ILE A 315 -11.70 -21.98 15.39
CA ILE A 315 -12.74 -21.13 15.95
C ILE A 315 -12.95 -19.91 15.09
N ASP A 316 -11.89 -19.44 14.42
CA ASP A 316 -11.96 -18.20 13.68
C ASP A 316 -12.57 -18.43 12.32
N ALA A 317 -12.44 -19.65 11.80
CA ALA A 317 -13.21 -20.03 10.63
C ALA A 317 -14.68 -20.15 10.97
N TYR A 318 -14.96 -20.69 12.16
CA TYR A 318 -16.34 -20.73 12.63
C TYR A 318 -16.88 -19.32 12.73
N SER A 319 -16.05 -18.38 13.16
CA SER A 319 -16.46 -16.98 13.24
C SER A 319 -16.71 -16.44 11.85
N HIS A 320 -15.82 -16.75 10.92
CA HIS A 320 -15.92 -16.24 9.56
C HIS A 320 -17.22 -16.68 8.93
N LEU A 321 -17.52 -17.96 9.02
CA LEU A 321 -18.71 -18.47 8.38
C LEU A 321 -19.95 -18.22 9.21
N GLU A 322 -19.81 -18.00 10.50
CA GLU A 322 -20.91 -17.45 11.28
C GLU A 322 -21.34 -16.12 10.70
N THR A 323 -20.37 -15.21 10.55
CA THR A 323 -20.61 -13.91 9.95
C THR A 323 -21.29 -14.09 8.61
N PHE A 324 -20.70 -14.92 7.76
CA PHE A 324 -21.19 -15.09 6.40
C PHE A 324 -22.61 -15.61 6.39
N TYR A 325 -22.82 -16.80 6.94
CA TYR A 325 -24.12 -17.45 6.80
C TYR A 325 -25.21 -16.75 7.59
N THR A 326 -24.88 -16.18 8.75
CA THR A 326 -25.87 -15.40 9.46
C THR A 326 -26.29 -14.20 8.63
N ASP A 327 -25.33 -13.58 7.95
CA ASP A 327 -25.70 -12.52 7.03
C ASP A 327 -26.52 -13.06 5.86
N GLU A 328 -26.28 -14.30 5.46
CA GLU A 328 -27.09 -14.88 4.40
C GLU A 328 -28.53 -14.99 4.85
N LYS A 329 -28.73 -15.48 6.07
CA LYS A 329 -30.07 -15.58 6.63
C LYS A 329 -30.74 -14.22 6.68
N GLU A 330 -30.01 -13.22 7.16
CA GLU A 330 -30.60 -11.89 7.28
C GLU A 330 -30.95 -11.32 5.92
N LYS A 331 -30.10 -11.57 4.92
CA LYS A 331 -30.40 -11.16 3.56
C LYS A 331 -31.68 -11.79 3.07
N LYS A 332 -31.79 -13.10 3.22
CA LYS A 332 -32.92 -13.80 2.65
C LYS A 332 -34.22 -13.47 3.38
N PHE A 333 -34.13 -13.08 4.65
CA PHE A 333 -35.34 -12.70 5.37
C PHE A 333 -35.74 -11.27 5.06
N ALA A 334 -34.78 -10.37 4.93
CA ALA A 334 -35.11 -9.04 4.46
C ALA A 334 -35.65 -9.06 3.04
N VAL A 335 -35.26 -10.07 2.25
CA VAL A 335 -35.85 -10.27 0.93
C VAL A 335 -37.26 -10.83 1.06
N LEU A 336 -37.46 -11.76 2.00
CA LEU A 336 -38.78 -12.29 2.26
C LEU A 336 -39.75 -11.19 2.69
N ASN A 337 -39.25 -10.19 3.39
CA ASN A 337 -40.08 -9.10 3.86
C ASN A 337 -40.41 -8.13 2.72
N LEU A 345 -35.17 -18.14 -1.25
CA LEU A 345 -34.61 -19.47 -1.09
C LEU A 345 -35.05 -20.38 -2.23
N ASP A 346 -34.09 -21.12 -2.79
CA ASP A 346 -34.35 -22.07 -3.85
C ASP A 346 -33.57 -23.34 -3.54
N GLU A 347 -33.55 -24.25 -4.51
CA GLU A 347 -32.75 -25.46 -4.37
C GLU A 347 -31.28 -25.13 -4.13
N THR A 348 -30.77 -24.08 -4.77
CA THR A 348 -29.36 -23.75 -4.62
C THR A 348 -29.08 -23.29 -3.19
N ASP A 349 -29.72 -22.19 -2.79
CA ASP A 349 -29.46 -21.64 -1.47
C ASP A 349 -29.88 -22.61 -0.38
N GLU A 350 -31.01 -23.31 -0.57
CA GLU A 350 -31.45 -24.25 0.45
C GLU A 350 -30.46 -25.38 0.61
N PHE A 351 -29.96 -25.89 -0.52
CA PHE A 351 -28.99 -26.96 -0.47
C PHE A 351 -27.76 -26.52 0.28
N LEU A 352 -27.18 -25.40 -0.13
CA LEU A 352 -25.94 -24.94 0.46
C LEU A 352 -26.11 -24.60 1.94
N MET A 353 -27.17 -23.84 2.26
CA MET A 353 -27.35 -23.39 3.63
C MET A 353 -27.59 -24.58 4.55
N ASN A 354 -28.44 -25.52 4.14
CA ASN A 354 -28.73 -26.62 5.03
C ASN A 354 -27.55 -27.55 5.12
N LEU A 355 -26.80 -27.69 4.02
CA LEU A 355 -25.55 -28.43 4.05
C LEU A 355 -24.63 -27.87 5.10
N PHE A 356 -24.64 -26.56 5.29
CA PHE A 356 -23.84 -25.98 6.35
C PHE A 356 -24.47 -26.23 7.72
N PHE A 357 -25.74 -25.84 7.86
CA PHE A 357 -26.35 -25.77 9.18
C PHE A 357 -26.50 -27.14 9.81
N ASP A 358 -26.63 -28.18 8.99
CA ASP A 358 -26.71 -29.54 9.52
C ASP A 358 -25.47 -29.91 10.31
N ASN A 359 -24.34 -29.28 9.99
CA ASN A 359 -23.07 -29.58 10.61
C ASN A 359 -22.59 -28.51 11.57
N LYS A 360 -23.09 -27.27 11.43
CA LYS A 360 -22.49 -26.10 12.07
C LYS A 360 -22.18 -26.31 13.55
N LYS A 361 -23.14 -26.87 14.28
CA LYS A 361 -22.96 -27.01 15.73
C LYS A 361 -21.85 -28.01 16.04
N MET A 362 -21.91 -29.19 15.42
CA MET A 362 -20.86 -30.17 15.65
C MET A 362 -19.52 -29.64 15.18
N LEU A 363 -19.52 -28.83 14.13
CA LEU A 363 -18.29 -28.24 13.65
C LEU A 363 -17.68 -27.32 14.67
N LYS A 364 -18.52 -26.53 15.36
CA LYS A 364 -18.00 -25.73 16.47
C LYS A 364 -17.45 -26.63 17.56
N LYS A 365 -18.13 -27.75 17.83
CA LYS A 365 -17.63 -28.71 18.80
C LYS A 365 -16.24 -29.20 18.42
N LEU A 366 -16.07 -29.56 17.15
CA LEU A 366 -14.74 -29.89 16.64
C LEU A 366 -13.78 -28.74 16.82
N ALA A 367 -14.27 -27.52 16.64
CA ALA A 367 -13.43 -26.34 16.76
C ALA A 367 -12.87 -26.22 18.16
N GLU A 368 -13.60 -26.69 19.16
CA GLU A 368 -13.08 -26.66 20.51
C GLU A 368 -11.84 -27.53 20.68
N ASN A 369 -11.65 -28.54 19.84
CA ASN A 369 -10.66 -29.57 20.11
C ASN A 369 -9.27 -29.14 19.66
N PRO A 370 -8.23 -29.25 20.51
CA PRO A 370 -6.87 -29.14 19.98
C PRO A 370 -6.53 -30.28 19.02
N GLU A 375 -0.74 -29.30 15.50
CA GLU A 375 0.13 -28.58 14.58
C GLU A 375 -0.40 -27.16 14.41
N LYS A 376 -1.48 -27.03 13.62
CA LYS A 376 -2.12 -25.73 13.42
C LYS A 376 -2.68 -25.16 14.71
N LEU A 377 -2.95 -26.01 15.70
CA LEU A 377 -3.71 -25.65 16.88
C LEU A 377 -2.79 -25.36 18.06
N ILE A 378 -1.76 -26.18 18.24
CA ILE A 378 -0.71 -25.91 19.21
C ILE A 378 0.42 -25.26 18.44
N LYS A 379 0.64 -23.98 18.72
CA LYS A 379 1.60 -23.20 17.98
C LYS A 379 2.18 -22.15 18.91
N LEU A 380 3.50 -22.04 18.88
CA LEU A 380 4.21 -20.84 19.31
C LEU A 380 3.90 -20.32 20.70
N ARG A 381 3.24 -21.12 21.53
CA ARG A 381 3.04 -20.72 22.91
C ARG A 381 4.38 -20.61 23.60
N ASN A 382 5.20 -21.65 23.48
CA ASN A 382 6.56 -21.61 23.98
C ASN A 382 7.39 -20.58 23.25
N THR A 383 7.11 -20.38 21.96
CA THR A 383 7.93 -19.49 21.15
C THR A 383 7.94 -18.07 21.66
N ILE A 384 6.87 -17.67 22.36
CA ILE A 384 6.81 -16.37 23.00
C ILE A 384 7.00 -16.46 24.51
N LEU A 385 6.53 -17.53 25.14
CA LEU A 385 6.70 -17.62 26.57
C LEU A 385 8.15 -17.81 26.95
N GLU A 386 8.99 -18.25 26.01
CA GLU A 386 10.44 -18.24 26.23
C GLU A 386 10.92 -16.86 26.63
N GLN A 387 10.41 -15.83 25.96
CA GLN A 387 10.84 -14.48 26.22
C GLN A 387 10.02 -13.85 27.33
N PHE A 388 8.78 -14.30 27.50
CA PHE A 388 8.03 -13.95 28.69
C PHE A 388 8.80 -14.34 29.95
N THR A 389 9.50 -15.48 29.91
CA THR A 389 10.32 -15.93 31.02
C THR A 389 11.71 -15.33 31.02
N ARG A 390 12.29 -15.07 29.86
CA ARG A 390 13.62 -14.47 29.79
C ARG A 390 13.61 -13.06 30.39
N SER A 391 12.84 -12.16 29.78
CA SER A 391 12.74 -10.78 30.25
C SER A 391 11.57 -10.62 31.21
N SER A 394 9.22 -10.55 29.10
CA SER A 394 9.01 -9.90 27.82
C SER A 394 8.46 -8.50 28.00
N SER A 395 9.34 -7.53 28.24
CA SER A 395 8.93 -6.14 28.35
C SER A 395 8.36 -5.64 27.04
N ARG A 396 9.19 -5.68 26.00
CA ARG A 396 8.82 -5.21 24.68
C ARG A 396 8.31 -6.36 23.84
N GLY A 397 7.47 -6.03 22.87
CA GLY A 397 6.94 -7.04 21.98
C GLY A 397 6.57 -6.53 20.62
N ILE A 398 6.99 -7.24 19.58
CA ILE A 398 6.59 -6.97 18.21
C ILE A 398 6.14 -8.27 17.59
N ILE A 399 5.12 -8.16 16.75
CA ILE A 399 4.69 -9.26 15.91
C ILE A 399 4.38 -8.70 14.54
N PHE A 400 4.82 -9.41 13.52
CA PHE A 400 4.38 -9.19 12.15
C PHE A 400 3.49 -10.34 11.70
N THR A 401 2.85 -10.13 10.58
CA THR A 401 2.13 -11.15 9.84
C THR A 401 1.72 -10.55 8.50
N LYS A 402 0.80 -11.22 7.82
CA LYS A 402 0.27 -10.74 6.56
C LYS A 402 -0.89 -9.79 6.74
N THR A 403 -1.91 -10.27 7.42
CA THR A 403 -3.27 -9.78 7.25
C THR A 403 -3.71 -8.91 8.40
N ARG A 404 -4.92 -8.42 8.25
CA ARG A 404 -5.60 -7.72 9.33
C ARG A 404 -6.28 -8.71 10.25
N GLN A 405 -7.15 -9.53 9.67
CA GLN A 405 -8.00 -10.42 10.44
C GLN A 405 -7.21 -11.32 11.36
N SER A 406 -6.01 -11.71 10.92
CA SER A 406 -5.12 -12.47 11.78
C SER A 406 -4.82 -11.72 13.07
N THR A 407 -4.62 -10.40 12.97
CA THR A 407 -4.25 -9.64 14.15
C THR A 407 -5.36 -9.63 15.18
N TYR A 408 -6.55 -9.20 14.78
CA TYR A 408 -7.70 -9.20 15.68
C TYR A 408 -7.90 -10.59 16.27
N ALA A 409 -7.82 -11.61 15.42
CA ALA A 409 -8.09 -12.96 15.85
C ALA A 409 -7.11 -13.38 16.93
N LEU A 410 -5.83 -13.17 16.68
CA LEU A 410 -4.82 -13.63 17.61
C LEU A 410 -4.83 -12.82 18.89
N SER A 411 -5.09 -11.52 18.81
CA SER A 411 -5.17 -10.74 20.02
C SER A 411 -6.32 -11.22 20.89
N GLN A 412 -7.46 -11.54 20.26
CA GLN A 412 -8.57 -12.15 20.99
C GLN A 412 -8.14 -13.46 21.64
N TRP A 413 -7.47 -14.29 20.85
CA TRP A 413 -7.11 -15.63 21.29
C TRP A 413 -6.16 -15.59 22.47
N ILE A 414 -5.22 -14.64 22.43
CA ILE A 414 -4.24 -14.53 23.49
C ILE A 414 -4.85 -13.89 24.71
N MET A 415 -5.71 -12.90 24.53
CA MET A 415 -6.41 -12.33 25.68
C MET A 415 -7.28 -13.38 26.37
N GLU A 416 -7.75 -14.37 25.62
CA GLU A 416 -8.53 -15.44 26.22
C GLU A 416 -7.64 -16.48 26.89
N ASN A 417 -6.64 -16.97 26.16
CA ASN A 417 -5.79 -18.02 26.70
C ASN A 417 -4.68 -17.46 27.58
N ALA A 418 -3.80 -16.67 27.00
CA ALA A 418 -2.65 -16.14 27.75
C ALA A 418 -3.01 -14.85 28.45
N VAL A 425 -0.10 -12.11 28.64
CA VAL A 425 0.47 -10.79 28.44
C VAL A 425 -0.59 -9.86 27.85
N LYS A 426 -0.77 -8.68 28.44
CA LYS A 426 -1.70 -7.71 27.90
C LYS A 426 -1.20 -7.24 26.55
N ALA A 427 -2.10 -7.26 25.56
CA ALA A 427 -1.71 -7.10 24.16
C ALA A 427 -2.68 -6.16 23.48
N HIS A 428 -2.44 -5.95 22.19
CA HIS A 428 -3.12 -4.94 21.41
C HIS A 428 -2.67 -5.07 19.98
N HIS A 429 -3.53 -4.65 19.08
CA HIS A 429 -3.34 -4.87 17.65
C HIS A 429 -2.91 -3.58 16.98
N LEU A 430 -2.57 -3.72 15.71
CA LEU A 430 -2.23 -2.58 14.88
C LEU A 430 -2.35 -2.98 13.44
N ILE A 431 -2.97 -2.12 12.64
CA ILE A 431 -3.04 -2.25 11.20
C ILE A 431 -2.99 -0.86 10.58
N GLY A 432 -3.18 -0.79 9.28
CA GLY A 432 -3.09 0.46 8.56
C GLY A 432 -4.34 1.31 8.57
N ALA A 433 -4.76 1.79 7.39
CA ALA A 433 -5.83 2.77 7.30
C ALA A 433 -6.84 2.54 6.18
N GLY A 434 -6.48 1.82 5.13
CA GLY A 434 -7.23 1.92 3.89
C GLY A 434 -8.63 1.36 3.99
N HIS A 435 -9.45 1.77 3.03
CA HIS A 435 -10.81 1.27 2.89
C HIS A 435 -10.75 0.03 2.00
N SER A 436 -10.54 -1.12 2.62
CA SER A 436 -10.55 -2.37 1.86
C SER A 436 -10.66 -3.53 2.84
N SER A 437 -10.89 -4.71 2.28
CA SER A 437 -10.91 -5.99 2.97
C SER A 437 -12.20 -6.25 3.75
N GLU A 438 -13.17 -5.35 3.75
CA GLU A 438 -14.39 -5.48 4.56
C GLU A 438 -14.01 -5.66 6.02
N VAL A 439 -13.30 -4.68 6.53
CA VAL A 439 -12.87 -4.66 7.91
C VAL A 439 -13.05 -3.24 8.41
N LYS A 440 -13.16 -3.08 9.72
CA LYS A 440 -13.10 -1.77 10.33
C LYS A 440 -11.63 -1.36 10.40
N PRO A 441 -11.14 -0.45 9.55
CA PRO A 441 -9.74 -0.06 9.66
C PRO A 441 -9.47 0.78 10.88
N MET A 442 -8.26 1.29 10.98
CA MET A 442 -7.80 2.12 12.07
C MET A 442 -7.56 3.53 11.55
N THR A 443 -6.96 4.34 12.41
CA THR A 443 -6.85 5.76 12.19
C THR A 443 -5.48 6.23 12.64
N GLN A 444 -4.98 7.25 11.94
CA GLN A 444 -3.66 7.81 12.23
C GLN A 444 -3.54 8.18 13.69
N THR A 445 -4.57 8.83 14.22
CA THR A 445 -4.61 9.20 15.62
C THR A 445 -4.38 7.99 16.50
N GLU A 446 -5.12 6.93 16.24
CA GLU A 446 -5.09 5.82 17.16
C GLU A 446 -3.82 5.03 17.01
N GLN A 447 -3.23 5.08 15.83
CA GLN A 447 -1.88 4.56 15.69
C GLN A 447 -0.90 5.31 16.56
N LYS A 448 -0.98 6.64 16.57
CA LYS A 448 -0.11 7.43 17.43
C LYS A 448 -0.32 7.07 18.88
N GLU A 449 -1.58 6.84 19.26
CA GLU A 449 -1.90 6.42 20.62
C GLU A 449 -1.13 5.16 20.96
N VAL A 450 -1.20 4.20 20.05
CA VAL A 450 -0.64 2.90 20.34
C VAL A 450 0.87 2.99 20.48
N ILE A 451 1.51 3.71 19.57
CA ILE A 451 2.96 3.75 19.61
C ILE A 451 3.44 4.56 20.79
N SER A 452 2.63 5.52 21.25
CA SER A 452 2.97 6.21 22.49
C SER A 452 2.88 5.25 23.67
N LYS A 453 1.83 4.44 23.71
CA LYS A 453 1.68 3.49 24.81
C LYS A 453 2.80 2.49 24.82
N PHE A 454 3.26 2.12 23.63
CA PHE A 454 4.38 1.20 23.53
C PHE A 454 5.68 1.89 23.88
N ARG A 455 5.77 3.20 23.64
CA ARG A 455 6.91 3.97 24.11
C ARG A 455 6.99 3.96 25.63
N THR A 456 5.89 3.64 26.30
CA THR A 456 5.89 3.41 27.73
C THR A 456 6.22 1.95 28.04
N ILE A 459 1.80 -0.46 25.70
CA ILE A 459 1.54 -1.89 25.61
C ILE A 459 2.87 -2.61 25.56
N ASN A 460 2.89 -3.88 25.98
CA ASN A 460 4.12 -4.65 25.92
C ASN A 460 4.38 -5.19 24.52
N LEU A 461 3.34 -5.74 23.87
CA LEU A 461 3.49 -6.37 22.57
C LEU A 461 2.49 -5.82 21.58
N LEU A 462 3.01 -5.48 20.39
CA LEU A 462 2.22 -5.02 19.27
C LEU A 462 2.00 -6.16 18.31
N ILE A 463 0.85 -6.17 17.66
CA ILE A 463 0.56 -7.06 16.56
C ILE A 463 0.28 -6.22 15.34
N ALA A 464 1.06 -6.44 14.29
CA ALA A 464 1.12 -5.52 13.17
C ALA A 464 1.17 -6.27 11.85
N THR A 465 0.72 -5.59 10.82
CA THR A 465 1.01 -5.96 9.43
C THR A 465 2.33 -5.27 9.03
N THR A 466 2.69 -5.19 7.76
CA THR A 466 3.97 -4.67 7.33
C THR A 466 4.11 -3.15 7.51
N VAL A 467 3.27 -2.53 8.35
CA VAL A 467 3.41 -1.11 8.63
C VAL A 467 4.82 -0.78 9.10
N ALA A 468 5.22 -1.31 10.25
CA ALA A 468 6.53 -1.04 10.78
C ALA A 468 7.61 -1.71 9.93
N GLY A 471 8.17 2.66 8.80
CA GLY A 471 8.73 3.97 9.10
C GLY A 471 8.21 4.56 10.40
N LEU A 472 7.87 3.69 11.35
CA LEU A 472 7.31 4.09 12.63
C LEU A 472 8.38 4.01 13.70
N ASP A 473 8.47 5.06 14.52
CA ASP A 473 9.59 5.20 15.45
C ASP A 473 9.42 4.26 16.63
N ILE A 474 10.27 3.23 16.67
CA ILE A 474 10.24 2.21 17.71
C ILE A 474 11.67 1.75 17.88
N LYS A 475 12.02 1.31 19.09
CA LYS A 475 13.37 0.78 19.32
C LYS A 475 13.43 0.19 20.71
N GLU A 476 14.64 -0.21 21.11
CA GLU A 476 14.95 -0.77 22.42
C GLU A 476 14.42 -2.21 22.55
N CYS A 477 13.84 -2.76 21.49
CA CYS A 477 13.08 -4.01 21.60
C CYS A 477 13.97 -5.20 21.32
N ASN A 478 13.42 -6.39 21.53
CA ASN A 478 14.20 -7.62 21.56
C ASN A 478 13.56 -8.81 20.86
N ILE A 479 12.25 -8.87 20.73
CA ILE A 479 11.53 -10.11 20.41
C ILE A 479 10.73 -9.92 19.12
N VAL A 480 11.32 -9.23 18.16
CA VAL A 480 10.77 -9.24 16.82
C VAL A 480 10.58 -10.68 16.36
N ILE A 481 9.41 -10.96 15.82
CA ILE A 481 9.13 -12.28 15.28
C ILE A 481 8.41 -12.14 13.95
N ARG A 482 8.03 -13.28 13.35
CA ARG A 482 7.53 -13.31 11.98
C ARG A 482 6.63 -14.54 11.85
N TYR A 483 5.32 -14.32 11.87
CA TYR A 483 4.33 -15.39 11.80
C TYR A 483 3.77 -15.49 10.38
N GLY A 484 4.58 -16.06 9.50
CA GLY A 484 4.13 -16.38 8.16
C GLY A 484 4.36 -15.27 7.18
N LEU A 485 5.62 -14.87 7.01
CA LEU A 485 5.99 -13.68 6.27
C LEU A 485 6.89 -14.06 5.11
N VAL A 486 7.05 -13.10 4.20
CA VAL A 486 7.72 -13.28 2.90
C VAL A 486 8.79 -12.22 2.68
N THR A 487 8.62 -11.07 3.33
CA THR A 487 8.98 -9.79 2.75
C THR A 487 10.45 -9.68 2.39
N ASN A 488 10.74 -8.64 1.61
CA ASN A 488 12.02 -8.45 0.95
C ASN A 488 13.12 -8.05 1.96
N GLU A 489 14.30 -7.76 1.41
CA GLU A 489 15.47 -7.44 2.23
C GLU A 489 15.29 -6.16 3.03
N ILE A 490 14.57 -5.18 2.47
CA ILE A 490 14.53 -3.89 3.16
C ILE A 490 13.63 -3.98 4.39
N ALA A 491 12.47 -4.63 4.27
CA ALA A 491 11.65 -4.84 5.46
C ALA A 491 12.41 -5.64 6.50
N MET A 492 13.21 -6.60 6.06
CA MET A 492 14.05 -7.39 6.96
C MET A 492 15.00 -6.50 7.74
N VAL A 493 15.87 -5.77 7.02
CA VAL A 493 16.90 -4.97 7.69
C VAL A 493 16.26 -3.86 8.53
N GLN A 494 15.13 -3.33 8.09
CA GLN A 494 14.49 -2.24 8.83
C GLN A 494 13.82 -2.75 10.09
N ALA A 495 13.23 -3.96 10.02
CA ALA A 495 12.79 -4.61 11.25
C ALA A 495 13.96 -4.88 12.18
N ARG A 496 15.11 -5.23 11.60
CA ARG A 496 16.33 -5.37 12.38
C ARG A 496 16.85 -4.01 12.87
N GLY A 497 16.38 -2.92 12.29
CA GLY A 497 16.70 -1.61 12.82
C GLY A 497 15.99 -1.29 14.13
N ARG A 498 14.85 -1.93 14.38
CA ARG A 498 14.05 -1.58 15.55
C ARG A 498 14.57 -2.27 16.80
N ALA A 499 14.50 -3.60 16.85
CA ALA A 499 14.94 -4.35 18.02
C ALA A 499 16.46 -4.33 18.02
N ARG A 500 17.01 -3.38 18.77
CA ARG A 500 18.44 -3.07 18.70
C ARG A 500 19.27 -4.10 19.45
N ALA A 501 20.54 -3.79 19.69
CA ALA A 501 21.48 -4.77 20.23
C ALA A 501 21.20 -5.09 21.69
N ASP A 502 20.04 -5.71 21.95
CA ASP A 502 19.76 -6.28 23.26
C ASP A 502 18.84 -7.48 23.02
N GLU A 503 19.46 -8.65 22.83
CA GLU A 503 18.75 -9.91 22.62
C GLU A 503 17.69 -9.80 21.53
N SER A 504 18.10 -9.30 20.37
CA SER A 504 17.18 -9.12 19.24
C SER A 504 16.88 -10.47 18.60
N THR A 505 16.15 -11.30 19.35
CA THR A 505 15.88 -12.68 18.95
C THR A 505 14.90 -12.69 17.79
N TYR A 506 15.44 -12.51 16.60
CA TYR A 506 14.61 -12.63 15.40
C TYR A 506 14.14 -14.05 15.17
N VAL A 507 12.89 -14.30 15.49
CA VAL A 507 12.25 -15.55 15.12
C VAL A 507 11.77 -15.47 13.67
N LEU A 508 11.54 -16.62 13.07
CA LEU A 508 10.89 -16.70 11.76
C LEU A 508 10.08 -17.99 11.73
N VAL A 509 8.83 -17.88 12.07
CA VAL A 509 7.92 -19.01 12.09
C VAL A 509 7.42 -19.30 10.69
N THR A 510 7.23 -20.57 10.42
CA THR A 510 6.38 -21.05 9.34
C THR A 510 6.25 -22.55 9.47
N SER A 511 5.04 -23.04 9.21
CA SER A 511 4.86 -24.46 8.97
C SER A 511 5.85 -24.90 7.91
N SER A 512 6.77 -25.78 8.30
CA SER A 512 7.84 -26.19 7.39
C SER A 512 7.29 -26.89 6.14
N GLY A 513 6.03 -27.30 6.15
CA GLY A 513 5.38 -27.83 4.97
C GLY A 513 3.89 -27.97 5.17
N GLY A 515 9.72 -22.89 1.66
CA GLY A 515 11.05 -22.32 1.74
C GLY A 515 11.00 -20.90 2.23
N VAL A 516 10.63 -20.74 3.50
CA VAL A 516 10.50 -19.40 4.07
C VAL A 516 11.85 -18.92 4.61
N THR A 517 12.65 -19.82 5.18
CA THR A 517 13.99 -19.44 5.61
C THR A 517 14.86 -19.04 4.42
N GLU A 518 14.56 -19.61 3.25
CA GLU A 518 15.18 -19.16 2.01
C GLU A 518 15.07 -17.66 1.84
N ARG A 519 13.99 -17.08 2.34
CA ARG A 519 13.74 -15.66 2.13
C ARG A 519 14.70 -14.81 2.98
N GLU A 520 14.95 -15.23 4.22
CA GLU A 520 16.00 -14.57 4.99
C GLU A 520 17.36 -14.78 4.35
N ILE A 521 17.60 -15.97 3.79
CA ILE A 521 18.89 -16.26 3.19
C ILE A 521 19.13 -15.33 2.01
N VAL A 522 18.13 -15.20 1.14
CA VAL A 522 18.29 -14.32 -0.02
C VAL A 522 18.36 -12.88 0.41
N ASN A 523 17.75 -12.52 1.53
CA ASN A 523 17.92 -11.16 2.01
C ASN A 523 19.37 -10.89 2.37
N ASP A 524 20.01 -11.85 3.03
CA ASP A 524 21.45 -11.75 3.26
C ASP A 524 22.21 -11.66 1.93
N PHE A 525 21.76 -12.45 0.96
CA PHE A 525 22.43 -12.50 -0.33
C PHE A 525 22.41 -11.14 -1.01
N ARG A 526 21.23 -10.53 -1.06
CA ARG A 526 21.11 -9.21 -1.64
C ARG A 526 21.86 -8.18 -0.84
N GLU A 527 21.91 -8.34 0.48
CA GLU A 527 22.70 -7.43 1.30
C GLU A 527 24.15 -7.45 0.84
N LYS A 528 24.65 -8.63 0.52
CA LYS A 528 25.99 -8.72 -0.02
C LYS A 528 26.05 -8.06 -1.39
N MET A 529 24.99 -8.27 -2.17
CA MET A 529 25.04 -7.92 -3.57
C MET A 529 25.08 -6.42 -3.79
N MET A 530 24.30 -5.68 -3.01
CA MET A 530 24.23 -4.24 -3.22
C MET A 530 25.57 -3.60 -2.93
N TYR A 531 26.28 -4.12 -1.94
CA TYR A 531 27.62 -3.63 -1.64
C TYR A 531 28.56 -3.99 -2.78
N LYS A 532 28.47 -5.22 -3.26
CA LYS A 532 29.34 -5.65 -4.34
C LYS A 532 29.11 -4.83 -5.59
N ALA A 533 27.91 -4.29 -5.75
CA ALA A 533 27.55 -3.48 -6.90
C ALA A 533 27.94 -2.03 -6.75
N ILE A 534 27.66 -1.47 -5.58
CA ILE A 534 28.06 -0.11 -5.24
C ILE A 534 29.55 0.04 -5.46
N ASN A 535 30.32 -0.94 -5.01
CA ASN A 535 31.75 -0.92 -5.23
C ASN A 535 32.07 -0.91 -6.72
N ARG A 536 31.26 -1.58 -7.52
CA ARG A 536 31.53 -1.70 -8.95
C ARG A 536 31.12 -0.46 -9.71
N VAL A 537 30.35 0.43 -9.09
CA VAL A 537 29.86 1.63 -9.76
C VAL A 537 30.49 2.91 -9.24
N GLN A 538 30.76 3.00 -7.94
CA GLN A 538 31.56 4.10 -7.44
C GLN A 538 32.85 4.21 -8.21
N ASN A 539 33.45 3.06 -8.50
CA ASN A 539 34.69 2.98 -9.25
C ASN A 539 34.34 2.82 -10.72
N MET A 540 34.06 3.93 -11.36
CA MET A 540 33.66 3.94 -12.76
C MET A 540 34.16 5.20 -13.43
N LYS A 541 34.36 5.10 -14.73
CA LYS A 541 34.72 6.24 -15.53
C LYS A 541 33.60 7.28 -15.49
N PRO A 542 33.92 8.57 -15.39
CA PRO A 542 32.83 9.56 -15.50
C PRO A 542 32.22 9.59 -16.88
N GLU A 543 33.01 9.39 -17.93
CA GLU A 543 32.45 9.42 -19.28
C GLU A 543 31.51 8.25 -19.50
N GLU A 544 31.97 7.03 -19.21
CA GLU A 544 31.11 5.87 -19.42
C GLU A 544 29.87 5.95 -18.54
N TYR A 545 30.03 6.39 -17.31
CA TYR A 545 28.90 6.61 -16.42
C TYR A 545 27.91 7.59 -17.04
N ALA A 546 28.42 8.68 -17.60
CA ALA A 546 27.56 9.66 -18.24
C ALA A 546 26.82 9.07 -19.41
N HIS A 547 27.51 8.27 -20.23
CA HIS A 547 26.85 7.69 -21.39
C HIS A 547 25.74 6.75 -20.98
N LYS A 548 26.02 5.88 -20.01
CA LYS A 548 25.00 4.95 -19.55
C LYS A 548 23.80 5.68 -18.99
N ILE A 549 24.04 6.68 -18.14
CA ILE A 549 22.91 7.37 -17.52
C ILE A 549 22.12 8.14 -18.57
N LEU A 550 22.80 8.70 -19.57
CA LEU A 550 22.08 9.39 -20.63
C LEU A 550 21.17 8.44 -21.37
N GLU A 551 21.66 7.24 -21.67
CA GLU A 551 20.81 6.31 -22.40
C GLU A 551 19.63 5.88 -21.56
N LEU A 552 19.83 5.65 -20.27
CA LEU A 552 18.68 5.27 -19.45
C LEU A 552 17.67 6.40 -19.34
N GLN A 553 18.15 7.64 -19.28
CA GLN A 553 17.24 8.78 -19.23
C GLN A 553 16.41 8.85 -20.49
N VAL A 554 17.04 8.69 -21.65
CA VAL A 554 16.28 8.75 -22.89
C VAL A 554 15.29 7.61 -22.97
N GLN A 555 15.68 6.43 -22.50
CA GLN A 555 14.75 5.31 -22.50
C GLN A 555 13.53 5.61 -21.65
N SER A 556 13.75 6.12 -20.44
CA SER A 556 12.61 6.42 -19.57
C SER A 556 11.69 7.45 -20.19
N ILE A 557 12.27 8.49 -20.79
CA ILE A 557 11.44 9.52 -21.39
C ILE A 557 10.62 8.96 -22.55
N LEU A 558 11.27 8.19 -23.43
CA LEU A 558 10.55 7.64 -24.56
C LEU A 558 9.45 6.69 -24.09
N GLU A 559 9.70 5.95 -23.02
CA GLU A 559 8.67 5.05 -22.53
C GLU A 559 7.50 5.82 -21.95
N LYS A 560 7.77 6.94 -21.27
CA LYS A 560 6.65 7.76 -20.82
C LYS A 560 5.85 8.27 -22.00
N LYS A 561 6.53 8.65 -23.08
CA LYS A 561 5.80 9.17 -24.24
C LYS A 561 4.94 8.08 -24.87
N MET A 562 5.46 6.86 -24.95
CA MET A 562 4.63 5.75 -25.42
C MET A 562 3.45 5.53 -24.48
N LYS A 563 3.68 5.64 -23.18
CA LYS A 563 2.60 5.51 -22.21
C LYS A 563 1.51 6.53 -22.48
N VAL A 564 1.89 7.78 -22.70
CA VAL A 564 0.91 8.84 -22.92
C VAL A 564 0.16 8.61 -24.22
N LYS A 565 0.86 8.14 -25.25
CA LYS A 565 0.18 7.84 -26.51
C LYS A 565 -0.89 6.77 -26.32
N ARG A 566 -0.50 5.63 -25.73
CA ARG A 566 -1.46 4.56 -25.50
C ARG A 566 -2.60 5.04 -24.61
N SER A 567 -2.28 5.85 -23.60
CA SER A 567 -3.31 6.32 -22.67
C SER A 567 -4.31 7.24 -23.36
N ILE A 568 -3.83 8.19 -24.16
CA ILE A 568 -4.75 9.03 -24.92
C ILE A 568 -5.59 8.18 -25.86
N ALA A 569 -5.00 7.12 -26.41
CA ALA A 569 -5.79 6.22 -27.23
C ALA A 569 -6.80 5.43 -26.43
N LYS A 570 -6.63 5.32 -25.11
CA LYS A 570 -7.49 4.47 -24.29
C LYS A 570 -8.96 4.88 -24.33
N GLN A 571 -9.29 6.06 -23.81
CA GLN A 571 -10.69 6.48 -23.71
C GLN A 571 -11.10 7.15 -25.02
N TYR A 572 -12.10 6.57 -25.69
CA TYR A 572 -12.49 7.09 -27.00
C TYR A 572 -13.99 7.22 -27.22
N ASN A 573 -14.85 6.47 -26.53
CA ASN A 573 -16.26 6.44 -26.93
C ASN A 573 -17.04 7.62 -26.38
N ASP A 574 -17.17 7.71 -25.04
CA ASP A 574 -17.91 8.78 -24.38
C ASP A 574 -19.35 8.87 -24.90
N ASN A 575 -20.11 7.80 -24.63
CA ASN A 575 -21.50 7.61 -25.05
C ASN A 575 -22.46 7.84 -23.89
N PRO A 576 -23.60 8.50 -24.14
CA PRO A 576 -24.53 8.77 -23.03
C PRO A 576 -25.21 7.54 -22.48
N SER A 577 -25.68 6.65 -23.36
CA SER A 577 -26.41 5.47 -22.93
C SER A 577 -26.34 4.45 -24.05
N LEU A 578 -25.63 3.36 -23.80
CA LEU A 578 -25.43 2.31 -24.79
C LEU A 578 -25.63 0.93 -24.17
N ILE A 579 -26.17 0.87 -22.95
CA ILE A 579 -25.96 -0.25 -22.05
C ILE A 579 -27.25 -0.58 -21.33
N THR A 580 -27.20 -1.67 -20.59
CA THR A 580 -28.11 -1.96 -19.51
C THR A 580 -27.33 -2.64 -18.40
N LEU A 581 -27.56 -2.18 -17.19
CA LEU A 581 -26.99 -2.80 -16.01
C LEU A 581 -27.98 -3.82 -15.46
N LEU A 582 -27.46 -5.01 -15.18
CA LEU A 582 -28.27 -6.14 -14.75
C LEU A 582 -27.75 -6.68 -13.44
N CYS A 583 -28.65 -7.27 -12.67
CA CYS A 583 -28.24 -8.10 -11.56
C CYS A 583 -27.45 -9.28 -12.10
N LYS A 584 -26.46 -9.72 -11.33
CA LYS A 584 -25.50 -10.69 -11.80
C LYS A 584 -25.80 -12.10 -11.32
N ASN A 585 -26.56 -12.24 -10.24
CA ASN A 585 -27.10 -13.54 -9.89
C ASN A 585 -28.27 -13.89 -10.80
N CYS A 586 -29.29 -13.04 -10.79
CA CYS A 586 -30.40 -13.14 -11.73
C CYS A 586 -30.11 -12.19 -12.88
N SER A 587 -30.02 -12.72 -14.08
CA SER A 587 -29.76 -11.87 -15.24
C SER A 587 -31.03 -11.08 -15.53
N MET A 588 -31.25 -10.05 -14.72
CA MET A 588 -32.46 -9.26 -14.73
C MET A 588 -32.13 -7.80 -14.96
N LEU A 589 -33.01 -7.12 -15.67
CA LEU A 589 -32.80 -5.72 -15.95
C LEU A 589 -32.92 -4.92 -14.67
N VAL A 590 -31.96 -4.01 -14.48
CA VAL A 590 -31.90 -3.17 -13.30
C VAL A 590 -31.87 -1.70 -13.68
N CYS A 591 -31.10 -1.34 -14.70
CA CYS A 591 -31.07 0.05 -15.16
C CYS A 591 -30.73 0.12 -16.64
N SER A 592 -31.11 1.25 -17.23
CA SER A 592 -30.67 1.66 -18.54
C SER A 592 -29.52 2.65 -18.38
N GLY A 593 -29.12 3.25 -19.50
CA GLY A 593 -27.94 4.08 -19.53
C GLY A 593 -28.20 5.56 -19.35
N GLU A 594 -29.36 6.01 -19.82
CA GLU A 594 -29.71 7.43 -19.79
C GLU A 594 -30.44 7.83 -18.53
N ASN A 595 -31.13 6.88 -17.91
CA ASN A 595 -31.81 7.12 -16.64
C ASN A 595 -30.81 7.35 -15.52
N ILE A 596 -29.55 6.98 -15.72
CA ILE A 596 -28.53 7.21 -14.72
C ILE A 596 -28.16 8.68 -14.66
N HIS A 597 -27.73 9.13 -13.50
CA HIS A 597 -27.15 10.44 -13.34
C HIS A 597 -25.97 10.33 -12.39
N VAL A 598 -25.32 11.48 -12.17
CA VAL A 598 -24.06 11.54 -11.46
C VAL A 598 -24.13 12.67 -10.44
N ILE A 599 -23.39 12.49 -9.36
CA ILE A 599 -23.11 13.54 -8.39
C ILE A 599 -21.63 13.55 -8.07
N GLU A 600 -21.13 14.71 -7.72
CA GLU A 600 -19.74 14.93 -7.32
C GLU A 600 -18.78 14.66 -8.44
N LYS A 601 -19.28 14.45 -9.67
CA LYS A 601 -18.61 13.76 -10.76
C LYS A 601 -17.85 12.53 -10.28
N MET A 602 -18.38 11.87 -9.25
CA MET A 602 -17.84 10.61 -8.75
C MET A 602 -18.86 9.50 -8.75
N HIS A 603 -19.99 9.71 -8.09
CA HIS A 603 -20.93 8.64 -7.83
C HIS A 603 -22.06 8.65 -8.84
N HIS A 604 -22.53 7.45 -9.15
CA HIS A 604 -23.63 7.24 -10.06
C HIS A 604 -24.88 6.91 -9.27
N VAL A 605 -26.03 7.09 -9.90
CA VAL A 605 -27.30 6.99 -9.20
C VAL A 605 -28.43 6.80 -10.20
N ASN A 606 -29.55 6.29 -9.72
CA ASN A 606 -30.76 6.14 -10.52
C ASN A 606 -31.94 6.58 -9.66
N MET A 607 -32.43 7.78 -9.95
CA MET A 607 -33.75 8.24 -9.56
C MET A 607 -34.73 7.65 -10.58
N THR A 608 -35.85 8.32 -10.84
CA THR A 608 -36.87 7.80 -11.74
C THR A 608 -37.46 6.56 -11.07
N PRO A 609 -38.31 6.77 -10.05
CA PRO A 609 -38.66 5.70 -9.10
C PRO A 609 -39.32 4.47 -9.69
N GLU A 610 -39.54 4.45 -11.01
CA GLU A 610 -39.71 3.19 -11.71
C GLU A 610 -38.62 2.20 -11.28
N PHE A 611 -37.39 2.68 -11.22
CA PHE A 611 -36.32 1.89 -10.62
C PHE A 611 -36.63 1.56 -9.17
N LYS A 612 -37.06 2.56 -8.41
CA LYS A 612 -37.25 2.42 -6.97
C LYS A 612 -38.28 1.36 -6.63
N GLY A 613 -39.14 0.99 -7.57
CA GLY A 613 -40.06 -0.11 -7.33
C GLY A 613 -39.38 -1.42 -7.05
N LEU A 614 -38.11 -1.56 -7.42
CA LEU A 614 -37.42 -2.84 -7.31
C LEU A 614 -36.87 -3.08 -5.92
N TYR A 615 -35.94 -2.24 -5.49
CA TYR A 615 -34.95 -2.69 -4.54
C TYR A 615 -35.52 -2.85 -3.15
N ILE A 616 -34.68 -3.41 -2.28
CA ILE A 616 -34.98 -3.59 -0.87
C ILE A 616 -33.85 -2.94 -0.10
N VAL A 617 -34.11 -2.62 1.15
CA VAL A 617 -33.21 -1.87 1.99
C VAL A 617 -32.86 -2.68 3.22
N ARG A 618 -31.66 -2.48 3.72
CA ARG A 618 -31.16 -3.23 4.86
C ARG A 618 -30.14 -2.39 5.62
N GLU A 619 -30.02 -2.70 6.91
CA GLU A 619 -29.08 -2.04 7.81
C GLU A 619 -29.07 -2.79 9.12
N ASN A 620 -27.89 -2.88 9.74
CA ASN A 620 -27.77 -3.38 11.11
C ASN A 620 -26.58 -2.70 11.78
N LYS A 621 -26.52 -2.87 13.09
CA LYS A 621 -25.42 -2.34 13.90
C LYS A 621 -25.55 -2.77 15.34
N GLY A 634 -27.74 3.86 4.63
CA GLY A 634 -27.85 2.42 4.74
C GLY A 634 -27.74 1.72 3.40
N GLU A 635 -27.95 0.41 3.40
CA GLU A 635 -27.59 -0.43 2.26
C GLU A 635 -28.80 -0.82 1.41
N ILE A 636 -28.56 -0.88 0.10
CA ILE A 636 -29.52 -1.40 -0.88
C ILE A 636 -29.16 -2.83 -1.19
N ILE A 637 -30.18 -3.67 -1.26
CA ILE A 637 -30.08 -5.09 -1.60
C ILE A 637 -31.17 -5.45 -2.58
N CYS A 638 -31.12 -6.70 -3.05
CA CYS A 638 -31.79 -7.17 -4.25
C CYS A 638 -33.13 -7.82 -3.93
N LYS A 639 -33.91 -8.11 -4.99
CA LYS A 639 -35.11 -8.93 -4.85
C LYS A 639 -34.78 -10.40 -4.74
N CYS A 640 -33.63 -10.82 -5.27
CA CYS A 640 -33.11 -12.17 -5.04
C CYS A 640 -32.33 -12.26 -3.75
N GLY A 641 -31.52 -11.25 -3.47
CA GLY A 641 -30.70 -11.21 -2.27
C GLY A 641 -29.32 -10.65 -2.49
N GLN A 642 -29.01 -10.29 -3.73
CA GLN A 642 -27.75 -9.66 -4.06
C GLN A 642 -27.63 -8.31 -3.37
N ALA A 643 -26.39 -7.91 -3.09
CA ALA A 643 -26.10 -6.57 -2.58
C ALA A 643 -25.89 -5.62 -3.73
N TRP A 644 -26.48 -4.44 -3.63
CA TRP A 644 -26.56 -3.49 -4.73
C TRP A 644 -25.92 -2.15 -4.42
N GLY A 645 -26.02 -1.63 -3.20
CA GLY A 645 -25.40 -0.35 -2.94
C GLY A 645 -25.67 0.32 -1.60
N THR A 646 -25.70 1.66 -1.62
CA THR A 646 -25.93 2.46 -0.43
C THR A 646 -26.90 3.58 -0.76
N MET A 647 -27.80 3.87 0.17
CA MET A 647 -28.71 5.00 0.02
C MET A 647 -27.94 6.24 0.44
N MET A 648 -27.21 6.82 -0.49
CA MET A 648 -26.39 7.99 -0.18
C MET A 648 -27.30 9.16 0.09
N VAL A 649 -27.31 9.63 1.33
CA VAL A 649 -28.20 10.70 1.75
C VAL A 649 -27.37 11.98 1.74
N HIS A 650 -27.46 12.70 0.64
CA HIS A 650 -26.72 13.94 0.47
C HIS A 650 -27.50 14.88 -0.43
N LYS A 651 -27.11 16.14 -0.37
CA LYS A 651 -27.68 17.20 -1.18
C LYS A 651 -29.17 17.36 -0.95
N GLY A 652 -29.64 17.03 0.25
CA GLY A 652 -31.08 17.05 0.50
C GLY A 652 -31.82 16.01 -0.29
N LEU A 653 -31.22 14.84 -0.48
CA LEU A 653 -31.83 13.79 -1.27
C LEU A 653 -31.35 12.44 -0.73
N ASP A 654 -32.22 11.43 -0.86
CA ASP A 654 -31.85 10.05 -0.59
C ASP A 654 -31.49 9.39 -1.92
N LEU A 655 -30.37 9.79 -2.48
CA LEU A 655 -29.99 9.28 -3.77
C LEU A 655 -29.55 7.82 -3.62
N PRO A 656 -30.20 6.86 -4.31
CA PRO A 656 -29.74 5.48 -4.21
C PRO A 656 -28.51 5.20 -5.06
N CYS A 657 -27.34 5.15 -4.45
CA CYS A 657 -26.12 4.92 -5.20
C CYS A 657 -25.79 3.44 -5.17
N LEU A 658 -25.09 3.01 -6.19
CA LEU A 658 -24.81 1.61 -6.42
C LEU A 658 -23.35 1.44 -6.75
N LYS A 659 -22.92 0.19 -6.80
CA LYS A 659 -21.54 -0.16 -7.08
C LYS A 659 -21.49 -1.15 -8.23
N ILE A 660 -20.80 -0.75 -9.30
CA ILE A 660 -20.73 -1.49 -10.54
C ILE A 660 -20.03 -2.83 -10.40
N ARG A 661 -19.31 -3.08 -9.29
CA ARG A 661 -18.80 -4.42 -9.03
C ARG A 661 -19.89 -5.45 -9.10
N ASN A 662 -21.05 -5.11 -8.56
CA ASN A 662 -22.10 -6.07 -8.30
C ASN A 662 -23.05 -6.23 -9.47
N PHE A 663 -22.92 -5.39 -10.49
CA PHE A 663 -23.78 -5.45 -11.65
C PHE A 663 -22.98 -5.88 -12.85
N VAL A 664 -23.71 -6.26 -13.89
CA VAL A 664 -23.12 -6.79 -15.09
C VAL A 664 -23.68 -6.02 -16.29
N VAL A 665 -22.90 -5.98 -17.34
CA VAL A 665 -23.12 -5.11 -18.47
C VAL A 665 -23.85 -5.88 -19.56
N ASN A 666 -24.68 -5.17 -20.31
CA ASN A 666 -25.11 -5.62 -21.63
C ASN A 666 -25.17 -4.40 -22.54
N PHE A 667 -24.16 -4.25 -23.40
CA PHE A 667 -24.16 -3.20 -24.41
C PHE A 667 -25.43 -3.28 -25.25
N PRO A 672 -21.57 -8.92 -25.55
CA PRO A 672 -20.66 -9.57 -24.62
C PRO A 672 -20.93 -9.20 -23.17
N LYS A 673 -20.90 -10.19 -22.29
CA LYS A 673 -21.13 -9.98 -20.87
C LYS A 673 -19.80 -9.62 -20.22
N LYS A 674 -19.77 -8.46 -19.59
CA LYS A 674 -18.53 -7.85 -19.13
C LYS A 674 -18.70 -7.33 -17.72
N GLN A 675 -17.59 -7.35 -16.99
CA GLN A 675 -17.54 -6.86 -15.62
C GLN A 675 -16.23 -6.11 -15.44
N TYR A 676 -16.27 -5.05 -14.64
CA TYR A 676 -15.21 -4.05 -14.66
C TYR A 676 -14.57 -3.77 -13.31
N LYS A 677 -15.32 -3.90 -12.22
CA LYS A 677 -14.94 -3.52 -10.86
C LYS A 677 -14.85 -2.01 -10.63
N LYS A 678 -14.99 -1.19 -11.66
CA LYS A 678 -15.02 0.24 -11.46
C LYS A 678 -15.60 0.89 -12.69
N TRP A 679 -16.18 2.07 -12.49
CA TRP A 679 -16.89 2.74 -13.56
C TRP A 679 -15.96 3.16 -14.67
N VAL A 680 -14.78 3.64 -14.31
CA VAL A 680 -13.93 4.37 -15.22
C VAL A 680 -13.43 3.55 -16.40
N GLU A 681 -13.56 2.22 -16.33
CA GLU A 681 -12.96 1.38 -17.36
C GLU A 681 -13.58 1.65 -18.72
N LEU A 682 -14.90 1.60 -18.81
CA LEU A 682 -15.54 2.10 -20.01
C LEU A 682 -15.25 3.59 -20.14
N PRO A 683 -15.25 4.12 -21.37
CA PRO A 683 -15.21 5.58 -21.51
C PRO A 683 -16.58 6.22 -21.50
N ILE A 684 -17.66 5.46 -21.73
CA ILE A 684 -18.92 6.09 -22.09
C ILE A 684 -19.52 6.79 -20.88
N ARG A 685 -19.81 8.06 -21.05
CA ARG A 685 -20.06 9.00 -19.99
C ARG A 685 -21.55 9.11 -19.69
N PHE A 686 -21.86 9.48 -18.46
CA PHE A 686 -23.22 9.72 -18.00
C PHE A 686 -23.34 11.17 -17.57
N PRO A 687 -24.56 11.73 -17.58
CA PRO A 687 -24.70 13.16 -17.30
C PRO A 687 -24.55 13.46 -15.83
N ASP A 688 -24.32 14.73 -15.55
CA ASP A 688 -24.35 15.23 -14.19
C ASP A 688 -25.76 15.70 -13.88
N LEU A 689 -26.14 15.60 -12.61
CA LEU A 689 -27.54 15.68 -12.26
C LEU A 689 -28.02 17.12 -12.26
N ASP A 690 -29.31 17.30 -12.54
CA ASP A 690 -29.95 18.61 -12.54
C ASP A 690 -31.02 18.62 -11.46
N TYR A 691 -30.78 19.42 -10.41
CA TYR A 691 -31.72 19.49 -9.31
C TYR A 691 -33.03 20.14 -9.73
N SER A 692 -33.00 20.93 -10.81
CA SER A 692 -34.24 21.44 -11.38
C SER A 692 -35.15 20.30 -11.80
N GLU A 693 -34.58 19.15 -12.16
CA GLU A 693 -35.39 17.95 -12.40
C GLU A 693 -36.23 17.62 -11.17
N TYR A 694 -35.63 17.70 -9.98
CA TYR A 694 -36.33 17.34 -8.75
C TYR A 694 -37.25 18.46 -8.28
N CYS A 695 -37.59 19.41 -9.14
CA CYS A 695 -38.59 20.41 -8.80
C CYS A 695 -39.91 19.72 -8.45
N LEU A 696 -40.45 20.05 -7.28
CA LEU A 696 -41.71 19.45 -6.83
C LEU A 696 -42.90 20.26 -7.32
#